data_2OSY
#
_entry.id   2OSY
#
_cell.length_a   53.947
_cell.length_b   93.687
_cell.length_c   94.460
_cell.angle_alpha   90.00
_cell.angle_beta   98.12
_cell.angle_gamma   90.00
#
_symmetry.space_group_name_H-M   'P 1 21 1'
#
loop_
_entity.id
_entity.type
_entity.pdbx_description
1 polymer 'Endoglycoceramidase II'
2 branched beta-D-galactopyranose-(1-4)-alpha-D-glucopyranose
3 non-polymer 'SODIUM ION'
4 water water
#
_entity_poly.entity_id   1
_entity_poly.type   'polypeptide(L)'
_entity_poly.pdbx_seq_one_letter_code
;MGSSHHHHHHSSGLVPRGSHMSGSGSGSGTALTPSYLKDDDGRSLILRGFNTASSAKSAPDGMPQFTEADLAREYADMGT
NFVRFLISWRSVEPAPGVYDQQYLDRVEDRVGWYAERGYKVMLDMHQDVYSGAITPEGNSGNGAGAIGNGAPAWATYMDG
LPVEPQPRWELYYIQPGVMRAFDNFWNTTGKHPELVEHYAKAWRAVADRFADNDAVVAYDLMNAPFGGSLQGPAFEAGPL
AAMYQRTTDAIRQVDQDTWVCVAPQAIGVNQGLPSGLTKIDDPRAGQQRIAYCPHLYPLPLDIGDGHEGLARTLTDVTID
AWRANTAHTARVLGDVPIILGEFGLDTTLPGARDYIERVYGTAREMGAGVSYWSSDPGPWGPYLPDGTQTLLVDTLNKPY
PRAVAGTPTEWSSTSDRLQLTIEPDAAITAPTEIYLPEAGFPGDVHVEGADVVGWDRQSRLLTVRTPADSGNVTVTVTPA
A
;
_entity_poly.pdbx_strand_id   A,B
#
loop_
_chem_comp.id
_chem_comp.type
_chem_comp.name
_chem_comp.formula
GAL D-saccharide, beta linking beta-D-galactopyranose 'C6 H12 O6'
GLC D-saccharide, alpha linking alpha-D-glucopyranose 'C6 H12 O6'
NA non-polymer 'SODIUM ION' 'Na 1'
#
# COMPACT_ATOMS: atom_id res chain seq x y z
N PRO A 34 30.42 1.81 -11.67
CA PRO A 34 29.14 2.51 -11.81
C PRO A 34 28.28 2.42 -10.55
N SER A 35 27.57 3.50 -10.27
CA SER A 35 26.73 3.64 -9.10
C SER A 35 25.30 3.52 -9.48
N TYR A 36 24.50 3.03 -8.52
CA TYR A 36 23.08 2.78 -8.67
C TYR A 36 22.25 3.42 -7.54
N LEU A 37 21.07 3.89 -7.89
CA LEU A 37 20.02 4.19 -6.92
C LEU A 37 19.61 2.85 -6.31
N LYS A 38 19.12 2.87 -5.08
CA LYS A 38 18.74 1.64 -4.39
C LYS A 38 17.34 1.76 -3.83
N ASP A 39 16.67 0.64 -3.67
CA ASP A 39 15.34 0.63 -3.07
C ASP A 39 15.51 0.58 -1.54
N ASP A 40 14.43 0.53 -0.78
CA ASP A 40 14.52 0.53 0.68
C ASP A 40 15.19 -0.71 1.27
N ASP A 41 15.29 -1.78 0.49
CA ASP A 41 15.98 -2.97 0.96
C ASP A 41 17.46 -2.95 0.58
N GLY A 42 17.92 -1.81 0.04
CA GLY A 42 19.28 -1.65 -0.41
C GLY A 42 19.63 -2.29 -1.75
N ARG A 43 18.65 -2.78 -2.51
CA ARG A 43 18.97 -3.43 -3.78
C ARG A 43 19.25 -2.35 -4.83
N SER A 44 20.17 -2.64 -5.75
CA SER A 44 20.61 -1.68 -6.73
C SER A 44 19.63 -1.73 -7.92
N LEU A 45 19.10 -0.58 -8.32
CA LEU A 45 18.06 -0.51 -9.34
C LEU A 45 18.56 -0.39 -10.81
N ILE A 46 18.06 -1.27 -11.65
CA ILE A 46 18.19 -1.13 -13.12
C ILE A 46 16.80 -0.71 -13.65
N LEU A 47 16.73 0.53 -14.11
CA LEU A 47 15.48 1.24 -14.40
C LEU A 47 15.21 1.27 -15.90
N ARG A 48 14.04 0.75 -16.28
CA ARG A 48 13.63 0.66 -17.66
C ARG A 48 12.17 1.12 -17.81
N GLY A 49 11.97 2.19 -18.57
CA GLY A 49 10.66 2.73 -18.73
C GLY A 49 10.55 3.83 -19.76
N PHE A 50 9.48 4.60 -19.63
CA PHE A 50 9.09 5.65 -20.56
C PHE A 50 9.00 7.01 -19.88
N ASN A 51 9.16 8.06 -20.66
CA ASN A 51 8.59 9.36 -20.33
C ASN A 51 7.06 9.36 -20.54
N THR A 52 6.30 9.63 -19.48
CA THR A 52 4.83 9.72 -19.56
C THR A 52 4.34 11.04 -18.95
N ALA A 53 3.75 11.95 -19.76
CA ALA A 53 3.76 11.92 -21.22
C ALA A 53 3.73 13.36 -21.75
N SER A 54 4.10 13.52 -23.02
CA SER A 54 4.10 14.82 -23.68
C SER A 54 2.69 15.41 -23.78
N SER A 55 1.66 14.58 -23.71
CA SER A 55 0.29 15.06 -23.69
C SER A 55 -0.05 15.90 -22.45
N ALA A 56 0.70 15.71 -21.35
CA ALA A 56 0.54 16.52 -20.12
C ALA A 56 0.91 18.00 -20.33
N LYS A 57 1.83 18.28 -21.23
CA LYS A 57 2.27 19.66 -21.47
C LYS A 57 1.09 20.64 -21.68
N SER A 58 0.09 20.23 -22.44
CA SER A 58 -0.99 21.10 -22.89
C SER A 58 -2.32 20.89 -22.11
N ALA A 59 -2.39 19.80 -21.36
CA ALA A 59 -3.59 19.42 -20.62
C ALA A 59 -3.92 20.45 -19.59
N PRO A 60 -5.13 21.07 -19.67
CA PRO A 60 -5.58 22.03 -18.65
C PRO A 60 -5.34 21.56 -17.21
N ASP A 61 -5.68 20.32 -16.92
CA ASP A 61 -5.50 19.79 -15.56
C ASP A 61 -4.07 19.19 -15.29
N GLY A 62 -3.12 19.36 -16.22
CA GLY A 62 -1.73 18.97 -16.00
C GLY A 62 -1.40 17.49 -16.15
N MET A 63 -2.41 16.70 -16.49
CA MET A 63 -2.33 15.23 -16.54
C MET A 63 -2.12 14.72 -17.97
N PRO A 64 -1.39 13.61 -18.12
CA PRO A 64 -1.25 13.03 -19.44
C PRO A 64 -2.50 12.29 -19.86
N GLN A 65 -2.74 12.19 -21.16
CA GLN A 65 -3.79 11.30 -21.68
C GLN A 65 -3.24 9.87 -21.64
N PHE A 66 -3.37 9.27 -20.48
CA PHE A 66 -2.72 7.99 -20.18
C PHE A 66 -3.50 7.45 -19.02
N THR A 67 -4.05 6.27 -19.20
CA THR A 67 -4.94 5.69 -18.23
C THR A 67 -4.29 4.51 -17.52
N GLU A 68 -4.99 4.01 -16.51
CA GLU A 68 -4.51 2.90 -15.74
C GLU A 68 -4.46 1.65 -16.64
N ALA A 69 -5.38 1.57 -17.61
CA ALA A 69 -5.40 0.50 -18.61
C ALA A 69 -4.17 0.56 -19.54
N ASP A 70 -3.77 1.76 -19.93
CA ASP A 70 -2.59 1.95 -20.75
C ASP A 70 -1.34 1.47 -20.00
N LEU A 71 -1.24 1.75 -18.71
CA LEU A 71 -0.10 1.24 -17.93
C LEU A 71 -0.13 -0.29 -17.90
N ALA A 72 -1.31 -0.88 -17.69
CA ALA A 72 -1.42 -2.32 -17.65
C ALA A 72 -0.95 -2.92 -18.96
N ARG A 73 -1.28 -2.30 -20.09
CA ARG A 73 -0.76 -2.71 -21.39
C ARG A 73 0.76 -2.60 -21.50
N GLU A 74 1.29 -1.42 -21.20
CA GLU A 74 2.75 -1.22 -21.12
C GLU A 74 3.46 -2.31 -20.29
N TYR A 75 2.92 -2.61 -19.11
CA TYR A 75 3.52 -3.60 -18.20
C TYR A 75 3.43 -4.99 -18.81
N ALA A 76 2.22 -5.38 -19.25
CA ALA A 76 1.98 -6.66 -19.94
C ALA A 76 2.92 -6.84 -21.10
N ASP A 77 3.14 -5.77 -21.87
CA ASP A 77 3.90 -5.89 -23.10
C ASP A 77 5.41 -5.76 -22.94
N MET A 78 5.89 -5.01 -21.93
CA MET A 78 7.32 -4.73 -21.83
C MET A 78 7.95 -4.91 -20.43
N GLY A 79 7.14 -5.07 -19.39
CA GLY A 79 7.66 -5.32 -18.05
C GLY A 79 8.50 -4.21 -17.47
N THR A 80 8.09 -2.98 -17.75
CA THR A 80 8.85 -1.83 -17.38
C THR A 80 8.70 -1.62 -15.86
N ASN A 81 9.65 -0.92 -15.26
CA ASN A 81 9.70 -0.73 -13.80
C ASN A 81 9.97 0.73 -13.43
N PHE A 82 9.85 1.61 -14.42
CA PHE A 82 10.27 2.99 -14.27
C PHE A 82 9.41 3.84 -15.15
N VAL A 83 9.13 5.05 -14.66
CA VAL A 83 8.60 6.15 -15.42
C VAL A 83 9.27 7.48 -15.02
N ARG A 84 9.59 8.28 -16.03
CA ARG A 84 9.80 9.71 -15.89
C ARG A 84 8.46 10.38 -16.12
N PHE A 85 7.87 10.87 -15.04
CA PHE A 85 6.51 11.41 -15.08
C PHE A 85 6.55 12.95 -15.14
N LEU A 86 6.02 13.51 -16.22
CA LEU A 86 6.03 14.94 -16.46
C LEU A 86 5.03 15.66 -15.55
N ILE A 87 5.57 16.52 -14.69
CA ILE A 87 4.80 17.54 -13.97
C ILE A 87 5.18 18.92 -14.51
N SER A 88 4.51 19.96 -14.05
CA SER A 88 4.73 21.34 -14.52
C SER A 88 4.60 22.35 -13.37
N TRP A 89 5.49 23.33 -13.41
CA TRP A 89 5.51 24.45 -12.49
C TRP A 89 4.20 25.22 -12.56
N ARG A 90 3.67 25.44 -13.77
CA ARG A 90 2.38 26.12 -13.93
C ARG A 90 1.25 25.39 -13.24
N SER A 91 1.34 24.07 -13.14
CA SER A 91 0.34 23.26 -12.44
C SER A 91 0.60 23.23 -10.93
N VAL A 92 1.88 23.20 -10.55
CA VAL A 92 2.25 23.26 -9.12
C VAL A 92 1.90 24.62 -8.48
N GLU A 93 2.28 25.71 -9.15
CA GLU A 93 2.26 27.06 -8.62
C GLU A 93 1.50 27.97 -9.59
N PRO A 94 0.18 27.76 -9.71
CA PRO A 94 -0.57 28.55 -10.70
C PRO A 94 -0.59 30.05 -10.40
N ALA A 95 -0.36 30.44 -9.14
CA ALA A 95 -0.14 31.85 -8.78
C ALA A 95 1.03 31.92 -7.83
N PRO A 96 1.67 33.09 -7.74
CA PRO A 96 2.84 33.17 -6.89
C PRO A 96 2.56 32.81 -5.43
N GLY A 97 3.21 31.75 -4.96
CA GLY A 97 3.25 31.41 -3.54
C GLY A 97 2.05 30.60 -3.11
N VAL A 98 1.32 30.09 -4.10
CA VAL A 98 0.02 29.46 -3.88
C VAL A 98 0.13 28.15 -4.62
N TYR A 99 0.18 27.05 -3.88
CA TYR A 99 0.34 25.73 -4.50
C TYR A 99 -0.99 25.00 -4.62
N ASP A 100 -1.23 24.37 -5.77
CA ASP A 100 -2.48 23.70 -6.07
C ASP A 100 -2.45 22.24 -5.61
N GLN A 101 -3.03 21.99 -4.44
CA GLN A 101 -3.01 20.68 -3.81
C GLN A 101 -3.91 19.71 -4.54
N GLN A 102 -4.90 20.22 -5.27
CA GLN A 102 -5.73 19.36 -6.11
C GLN A 102 -4.95 18.83 -7.32
N TYR A 103 -4.04 19.62 -7.89
CA TYR A 103 -3.11 19.09 -8.89
C TYR A 103 -2.21 18.00 -8.29
N LEU A 104 -1.63 18.26 -7.12
CA LEU A 104 -0.78 17.27 -6.46
C LEU A 104 -1.56 15.99 -6.14
N ASP A 105 -2.86 16.12 -5.79
CA ASP A 105 -3.74 14.94 -5.64
C ASP A 105 -3.78 14.14 -6.91
N ARG A 106 -3.96 14.81 -8.04
CA ARG A 106 -4.00 14.11 -9.34
C ARG A 106 -2.68 13.37 -9.66
N VAL A 107 -1.57 14.02 -9.38
CA VAL A 107 -0.28 13.43 -9.63
C VAL A 107 -0.19 12.20 -8.75
N GLU A 108 -0.62 12.34 -7.50
CA GLU A 108 -0.52 11.25 -6.50
C GLU A 108 -1.39 10.05 -6.90
N ASP A 109 -2.57 10.33 -7.47
CA ASP A 109 -3.44 9.28 -8.01
CA ASP A 109 -3.42 9.27 -8.00
C ASP A 109 -2.68 8.47 -9.07
N ARG A 110 -2.06 9.16 -10.05
CA ARG A 110 -1.25 8.48 -11.11
C ARG A 110 -0.04 7.67 -10.58
N VAL A 111 0.71 8.26 -9.65
CA VAL A 111 1.81 7.56 -8.99
C VAL A 111 1.27 6.28 -8.34
N GLY A 112 0.04 6.33 -7.85
CA GLY A 112 -0.59 5.17 -7.26
C GLY A 112 -0.71 4.01 -8.21
N TRP A 113 -0.99 4.31 -9.49
CA TRP A 113 -1.12 3.27 -10.53
C TRP A 113 0.19 2.50 -10.69
N TYR A 114 1.27 3.27 -10.82
CA TYR A 114 2.65 2.82 -10.93
C TYR A 114 3.07 1.98 -9.72
N ALA A 115 2.85 2.53 -8.54
CA ALA A 115 3.14 1.87 -7.27
C ALA A 115 2.51 0.47 -7.20
N GLU A 116 1.22 0.36 -7.57
CA GLU A 116 0.48 -0.90 -7.54
C GLU A 116 1.05 -1.97 -8.47
N ARG A 117 1.79 -1.55 -9.51
CA ARG A 117 2.42 -2.50 -10.45
C ARG A 117 3.95 -2.53 -10.30
N GLY A 118 4.45 -2.04 -9.16
CA GLY A 118 5.86 -2.21 -8.82
C GLY A 118 6.84 -1.22 -9.46
N TYR A 119 6.33 -0.14 -10.02
CA TYR A 119 7.17 0.88 -10.66
C TYR A 119 7.88 1.78 -9.65
N LYS A 120 9.08 2.24 -10.01
CA LYS A 120 9.68 3.45 -9.44
C LYS A 120 9.43 4.69 -10.33
N VAL A 121 9.23 5.82 -9.69
CA VAL A 121 8.75 7.02 -10.32
C VAL A 121 9.75 8.14 -10.15
N MET A 122 10.15 8.75 -11.27
CA MET A 122 10.88 10.01 -11.26
C MET A 122 9.96 11.16 -11.71
N LEU A 123 9.81 12.17 -10.88
CA LEU A 123 8.99 13.29 -11.29
C LEU A 123 9.89 14.29 -12.00
N ASP A 124 9.45 14.71 -13.19
CA ASP A 124 10.19 15.64 -14.04
C ASP A 124 9.45 17.00 -14.16
N MET A 125 10.05 18.06 -13.62
CA MET A 125 9.53 19.40 -13.77
C MET A 125 9.85 19.87 -15.20
N HIS A 126 8.89 19.60 -16.07
CA HIS A 126 9.09 19.71 -17.51
C HIS A 126 8.78 21.07 -18.05
N GLN A 127 9.67 21.55 -18.90
CA GLN A 127 9.42 22.68 -19.75
C GLN A 127 10.07 22.41 -21.09
N ASP A 128 9.49 22.99 -22.12
CA ASP A 128 10.15 23.26 -23.38
C ASP A 128 9.87 24.69 -23.78
N VAL A 129 10.89 25.39 -24.24
CA VAL A 129 10.76 26.78 -24.71
C VAL A 129 10.09 27.63 -23.60
N TYR A 130 10.46 27.35 -22.35
CA TYR A 130 10.05 28.08 -21.16
C TYR A 130 8.57 27.94 -20.69
N SER A 131 7.59 28.25 -21.57
CA SER A 131 6.19 28.38 -21.17
C SER A 131 5.28 28.42 -22.41
N GLY A 132 4.05 27.92 -22.26
CA GLY A 132 3.00 28.14 -23.27
C GLY A 132 2.65 29.62 -23.43
N ALA A 133 2.99 30.43 -22.44
CA ALA A 133 2.68 31.88 -22.45
C ALA A 133 3.57 32.72 -23.39
N ILE A 134 4.40 32.07 -24.22
CA ILE A 134 5.37 32.77 -25.07
C ILE A 134 4.73 33.27 -26.38
N THR A 135 3.56 32.75 -26.74
CA THR A 135 2.76 33.34 -27.83
C THR A 135 1.28 33.34 -27.45
N PRO A 136 0.44 34.14 -28.15
CA PRO A 136 -1.01 33.91 -27.93
C PRO A 136 -1.46 32.58 -28.53
N GLY A 143 0.26 28.83 -18.69
CA GLY A 143 1.52 28.29 -19.24
C GLY A 143 1.51 26.88 -19.83
N ALA A 144 0.34 26.25 -19.87
CA ALA A 144 0.13 25.00 -20.61
C ALA A 144 0.35 25.23 -22.11
N GLY A 145 0.80 24.21 -22.81
CA GLY A 145 0.90 24.28 -24.28
C GLY A 145 1.52 23.04 -24.89
N ALA A 146 1.28 22.84 -26.19
CA ALA A 146 1.75 21.68 -26.95
C ALA A 146 3.22 21.82 -27.36
N ILE A 147 3.67 23.06 -27.55
CA ILE A 147 5.04 23.35 -27.98
C ILE A 147 5.80 23.92 -26.78
N GLY A 148 5.79 25.26 -26.63
CA GLY A 148 6.17 25.95 -25.39
C GLY A 148 5.30 25.48 -24.24
N ASN A 149 5.93 25.21 -23.10
CA ASN A 149 5.25 24.64 -21.93
C ASN A 149 6.12 24.69 -20.68
N GLY A 150 5.47 24.83 -19.53
CA GLY A 150 6.14 24.64 -18.23
C GLY A 150 5.86 25.72 -17.24
N ALA A 151 6.51 26.87 -17.39
CA ALA A 151 6.35 27.97 -16.41
C ALA A 151 4.95 28.55 -16.46
N PRO A 152 4.46 29.09 -15.31
CA PRO A 152 3.20 29.80 -15.37
C PRO A 152 3.35 31.18 -16.00
N ALA A 153 2.22 31.73 -16.43
CA ALA A 153 2.14 33.07 -17.04
C ALA A 153 2.80 34.11 -16.18
N TRP A 154 2.49 34.11 -14.88
CA TRP A 154 3.01 35.16 -13.99
C TRP A 154 4.55 35.16 -13.90
N ALA A 155 5.18 34.01 -14.18
CA ALA A 155 6.64 33.87 -14.17
C ALA A 155 7.28 34.12 -15.54
N THR A 156 6.45 34.36 -16.57
CA THR A 156 6.90 34.64 -17.92
C THR A 156 6.98 36.14 -18.26
N TYR A 157 8.22 36.62 -18.36
CA TYR A 157 8.51 38.02 -18.65
C TYR A 157 9.36 38.15 -19.93
N MET A 158 8.68 38.32 -21.06
CA MET A 158 9.33 38.52 -22.36
C MET A 158 9.58 40.01 -22.64
N ASP A 159 9.02 40.88 -21.78
CA ASP A 159 9.22 42.33 -21.81
C ASP A 159 8.88 42.98 -23.13
N GLY A 160 7.89 42.43 -23.82
CA GLY A 160 7.40 43.00 -25.07
C GLY A 160 8.20 42.58 -26.29
N LEU A 161 9.22 41.74 -26.09
CA LEU A 161 10.09 41.29 -27.18
C LEU A 161 9.41 40.21 -28.04
N PRO A 162 9.65 40.25 -29.36
CA PRO A 162 8.95 39.37 -30.28
C PRO A 162 9.29 37.88 -30.19
N VAL A 163 8.30 37.07 -30.52
CA VAL A 163 8.47 35.63 -30.73
C VAL A 163 7.71 35.32 -32.03
N GLU A 164 8.36 35.54 -33.16
CA GLU A 164 7.69 35.30 -34.44
C GLU A 164 7.70 33.78 -34.77
N PRO A 165 6.74 33.34 -35.61
CA PRO A 165 6.62 31.93 -35.96
C PRO A 165 7.84 31.41 -36.68
N GLN A 166 8.20 30.15 -36.45
CA GLN A 166 9.43 29.54 -36.96
C GLN A 166 9.18 28.21 -37.67
N PRO A 167 10.02 27.85 -38.66
CA PRO A 167 9.83 26.60 -39.40
C PRO A 167 9.90 25.29 -38.57
N ARG A 168 10.74 25.26 -37.55
CA ARG A 168 10.86 24.12 -36.62
C ARG A 168 10.84 24.67 -35.18
N TRP A 169 10.15 23.96 -34.29
CA TRP A 169 9.84 24.47 -32.93
C TRP A 169 11.06 24.85 -32.05
N GLU A 170 12.17 24.13 -32.22
CA GLU A 170 13.37 24.38 -31.45
C GLU A 170 13.91 25.77 -31.68
N LEU A 171 13.62 26.33 -32.86
CA LEU A 171 14.02 27.71 -33.21
C LEU A 171 13.32 28.81 -32.38
N TYR A 172 12.19 28.50 -31.73
CA TYR A 172 11.59 29.45 -30.78
C TYR A 172 12.52 29.83 -29.61
N TYR A 173 13.42 28.91 -29.27
CA TYR A 173 14.39 29.13 -28.18
C TYR A 173 15.22 30.42 -28.30
N ILE A 174 15.59 30.78 -29.53
CA ILE A 174 16.47 31.91 -29.80
C ILE A 174 15.70 33.18 -30.20
N GLN A 175 14.36 33.15 -30.09
CA GLN A 175 13.54 34.32 -30.43
C GLN A 175 13.65 35.30 -29.30
N PRO A 176 13.65 36.62 -29.60
CA PRO A 176 14.00 37.61 -28.56
C PRO A 176 13.23 37.56 -27.25
N GLY A 177 11.94 37.31 -27.32
CA GLY A 177 11.11 37.22 -26.14
C GLY A 177 11.32 35.94 -25.35
N VAL A 178 11.70 34.86 -26.04
CA VAL A 178 12.06 33.63 -25.33
C VAL A 178 13.44 33.77 -24.67
N MET A 179 14.41 34.28 -25.42
CA MET A 179 15.71 34.57 -24.83
C MET A 179 15.56 35.45 -23.60
N ARG A 180 14.67 36.45 -23.69
CA ARG A 180 14.38 37.32 -22.57
C ARG A 180 13.68 36.65 -21.37
N ALA A 181 12.70 35.80 -21.65
CA ALA A 181 12.00 35.04 -20.61
C ALA A 181 13.01 34.23 -19.79
N PHE A 182 13.97 33.62 -20.47
CA PHE A 182 15.02 32.86 -19.84
C PHE A 182 16.00 33.76 -19.09
N ASP A 183 16.41 34.88 -19.68
CA ASP A 183 17.33 35.79 -18.98
C ASP A 183 16.68 36.39 -17.73
N ASN A 184 15.37 36.62 -17.76
CA ASN A 184 14.63 37.02 -16.58
C ASN A 184 14.57 35.91 -15.52
N PHE A 185 14.23 34.69 -15.92
CA PHE A 185 14.29 33.55 -15.01
C PHE A 185 15.65 33.33 -14.27
N TRP A 186 16.75 33.33 -15.01
CA TRP A 186 18.06 33.09 -14.37
C TRP A 186 18.61 34.34 -13.74
N ASN A 187 17.81 35.41 -13.78
CA ASN A 187 18.20 36.74 -13.30
C ASN A 187 19.43 37.33 -13.96
N THR A 188 19.60 37.04 -15.25
CA THR A 188 20.73 37.58 -15.99
C THR A 188 20.48 39.08 -16.20
N THR A 189 19.20 39.45 -16.21
CA THR A 189 18.77 40.85 -16.33
C THR A 189 18.85 41.66 -15.04
N GLY A 190 19.02 40.97 -13.91
CA GLY A 190 18.98 41.59 -12.58
C GLY A 190 17.58 42.02 -12.17
N LYS A 191 16.56 41.72 -12.99
CA LYS A 191 15.22 42.25 -12.76
C LYS A 191 14.34 41.32 -11.93
N HIS A 192 14.68 40.02 -11.91
CA HIS A 192 13.81 39.01 -11.28
C HIS A 192 14.57 37.96 -10.46
N PRO A 193 15.17 38.39 -9.34
CA PRO A 193 15.81 37.41 -8.45
C PRO A 193 14.84 36.41 -7.80
N GLU A 194 13.55 36.74 -7.78
CA GLU A 194 12.55 35.93 -7.07
C GLU A 194 12.17 34.65 -7.78
N LEU A 195 12.44 34.57 -9.07
CA LEU A 195 11.89 33.49 -9.90
C LEU A 195 12.48 32.11 -9.56
N VAL A 196 13.79 32.03 -9.36
CA VAL A 196 14.44 30.77 -8.98
C VAL A 196 14.12 30.45 -7.54
N GLU A 197 13.76 31.47 -6.76
CA GLU A 197 13.33 31.25 -5.41
C GLU A 197 11.92 30.64 -5.41
N HIS A 198 11.03 31.16 -6.24
CA HIS A 198 9.70 30.54 -6.42
C HIS A 198 9.85 29.12 -6.97
N TYR A 199 10.78 28.92 -7.90
CA TYR A 199 10.98 27.62 -8.52
C TYR A 199 11.39 26.58 -7.46
N ALA A 200 12.43 26.90 -6.68
CA ALA A 200 12.90 26.04 -5.59
C ALA A 200 11.79 25.64 -4.59
N LYS A 201 10.90 26.59 -4.29
CA LYS A 201 9.86 26.39 -3.27
C LYS A 201 8.62 25.69 -3.82
N ALA A 202 8.38 25.83 -5.12
CA ALA A 202 7.41 25.00 -5.84
C ALA A 202 7.88 23.54 -5.85
N TRP A 203 9.17 23.31 -6.06
CA TRP A 203 9.72 21.96 -5.88
C TRP A 203 9.61 21.43 -4.46
N ARG A 204 9.78 22.30 -3.47
CA ARG A 204 9.64 21.91 -2.07
C ARG A 204 8.21 21.47 -1.73
N ALA A 205 7.21 22.22 -2.23
CA ALA A 205 5.78 21.82 -2.15
C ALA A 205 5.55 20.41 -2.71
N VAL A 206 6.16 20.13 -3.87
CA VAL A 206 6.05 18.81 -4.51
C VAL A 206 6.70 17.75 -3.61
N ALA A 207 7.93 17.98 -3.15
CA ALA A 207 8.61 16.99 -2.30
C ALA A 207 7.89 16.72 -0.98
N ASP A 208 7.23 17.76 -0.47
CA ASP A 208 6.47 17.67 0.77
C ASP A 208 5.34 16.67 0.61
N ARG A 209 4.68 16.69 -0.53
CA ARG A 209 3.65 15.70 -0.85
C ARG A 209 4.21 14.30 -1.06
N PHE A 210 5.41 14.18 -1.63
CA PHE A 210 5.92 12.87 -2.04
C PHE A 210 7.01 12.24 -1.19
N ALA A 211 7.40 12.92 -0.11
CA ALA A 211 8.55 12.49 0.70
C ALA A 211 8.33 11.07 1.26
N ASP A 212 7.11 10.74 1.63
CA ASP A 212 6.84 9.41 2.17
C ASP A 212 6.06 8.50 1.20
N ASN A 213 6.22 8.76 -0.10
CA ASN A 213 5.67 7.91 -1.13
C ASN A 213 6.75 6.91 -1.56
N ASP A 214 6.52 5.63 -1.30
CA ASP A 214 7.51 4.55 -1.51
C ASP A 214 7.76 4.19 -2.99
N ALA A 215 6.87 4.64 -3.87
CA ALA A 215 7.05 4.52 -5.31
C ALA A 215 7.97 5.62 -5.85
N VAL A 216 8.02 6.78 -5.19
CA VAL A 216 8.81 7.90 -5.74
C VAL A 216 10.28 7.72 -5.39
N VAL A 217 11.14 7.71 -6.41
CA VAL A 217 12.57 7.51 -6.19
C VAL A 217 13.47 8.69 -6.61
N ALA A 218 12.99 9.56 -7.49
CA ALA A 218 13.81 10.62 -8.04
C ALA A 218 13.01 11.87 -8.37
N TYR A 219 13.66 13.03 -8.25
CA TYR A 219 13.10 14.32 -8.69
C TYR A 219 14.09 14.85 -9.71
N ASP A 220 13.70 14.91 -10.98
CA ASP A 220 14.47 15.52 -12.03
C ASP A 220 14.17 17.01 -12.08
N LEU A 221 15.08 17.84 -11.60
CA LEU A 221 14.77 19.21 -11.24
C LEU A 221 14.39 20.15 -12.39
N MET A 222 15.03 19.98 -13.54
CA MET A 222 14.67 20.76 -14.72
C MET A 222 14.87 20.04 -16.03
N ASN A 223 13.80 19.90 -16.80
CA ASN A 223 13.94 19.34 -18.13
C ASN A 223 14.62 20.31 -19.06
N ALA A 224 15.65 19.81 -19.76
CA ALA A 224 16.32 20.53 -20.86
C ALA A 224 16.67 21.99 -20.52
N PRO A 225 17.52 22.19 -19.49
CA PRO A 225 17.95 23.56 -19.06
C PRO A 225 18.54 24.35 -20.21
N PHE A 226 18.04 25.59 -20.40
CA PHE A 226 18.46 26.47 -21.48
C PHE A 226 18.80 27.83 -20.85
N GLY A 227 19.96 28.35 -21.23
CA GLY A 227 20.56 29.49 -20.57
C GLY A 227 20.23 30.86 -21.13
N GLY A 228 19.46 30.93 -22.22
CA GLY A 228 19.21 32.19 -22.95
C GLY A 228 20.53 32.73 -23.47
N SER A 229 20.84 33.96 -23.10
CA SER A 229 22.09 34.63 -23.51
C SER A 229 23.36 34.02 -22.91
N LEU A 230 23.19 33.21 -21.86
CA LEU A 230 24.25 32.40 -21.27
C LEU A 230 24.29 30.95 -21.81
N GLN A 231 25.41 30.56 -22.42
CA GLN A 231 25.56 29.19 -22.92
C GLN A 231 26.91 28.61 -22.48
N GLY A 232 27.00 27.28 -22.48
CA GLY A 232 28.23 26.59 -22.14
C GLY A 232 28.45 26.63 -20.64
N PRO A 233 29.69 26.38 -20.18
CA PRO A 233 30.02 26.30 -18.75
C PRO A 233 29.74 27.54 -17.90
N ALA A 234 29.87 28.74 -18.45
CA ALA A 234 29.41 29.92 -17.72
C ALA A 234 27.91 29.84 -17.35
N PHE A 235 27.08 29.18 -18.16
CA PHE A 235 25.70 28.89 -17.75
C PHE A 235 25.65 27.76 -16.71
N GLU A 236 26.22 26.59 -17.06
CA GLU A 236 26.03 25.40 -16.25
C GLU A 236 26.69 25.52 -14.88
N ALA A 237 27.92 26.04 -14.85
CA ALA A 237 28.67 26.32 -13.60
C ALA A 237 28.13 27.54 -12.90
N GLY A 238 27.36 28.32 -13.60
CA GLY A 238 26.83 29.57 -13.07
C GLY A 238 25.41 29.44 -12.52
N PRO A 239 24.43 30.13 -13.12
CA PRO A 239 23.07 30.11 -12.58
C PRO A 239 22.37 28.77 -12.56
N LEU A 240 22.76 27.87 -13.48
CA LEU A 240 22.18 26.53 -13.50
C LEU A 240 22.49 25.76 -12.22
N ALA A 241 23.78 25.62 -11.91
CA ALA A 241 24.24 24.96 -10.68
C ALA A 241 23.68 25.65 -9.43
N ALA A 242 23.66 26.98 -9.43
CA ALA A 242 23.15 27.75 -8.31
C ALA A 242 21.67 27.51 -8.07
N MET A 243 20.91 27.28 -9.14
CA MET A 243 19.48 26.89 -9.00
C MET A 243 19.33 25.48 -8.43
N TYR A 244 20.15 24.55 -8.95
CA TYR A 244 20.15 23.18 -8.49
C TYR A 244 20.47 23.11 -7.00
N GLN A 245 21.43 23.92 -6.57
CA GLN A 245 21.77 24.01 -5.14
C GLN A 245 20.62 24.55 -4.26
N ARG A 246 20.01 25.65 -4.67
CA ARG A 246 18.91 26.21 -3.90
C ARG A 246 17.75 25.22 -3.83
N THR A 247 17.46 24.59 -4.98
CA THR A 247 16.33 23.69 -5.11
C THR A 247 16.57 22.42 -4.30
N THR A 248 17.75 21.83 -4.42
CA THR A 248 18.11 20.67 -3.60
C THR A 248 17.91 21.03 -2.12
N ASP A 249 18.48 22.15 -1.72
CA ASP A 249 18.44 22.58 -0.32
C ASP A 249 17.00 22.73 0.18
N ALA A 250 16.14 23.32 -0.66
CA ALA A 250 14.74 23.53 -0.35
C ALA A 250 14.00 22.20 -0.26
N ILE A 251 14.23 21.31 -1.21
CA ILE A 251 13.67 19.95 -1.18
C ILE A 251 14.04 19.21 0.13
N ARG A 252 15.30 19.36 0.55
CA ARG A 252 15.82 18.69 1.73
C ARG A 252 15.30 19.24 3.08
N GLN A 253 14.51 20.31 3.06
CA GLN A 253 13.76 20.75 4.24
C GLN A 253 12.64 19.77 4.61
N VAL A 254 12.17 19.03 3.62
CA VAL A 254 10.95 18.23 3.74
C VAL A 254 11.11 16.82 3.22
N ASP A 255 12.17 16.54 2.47
CA ASP A 255 12.42 15.20 1.93
C ASP A 255 13.91 14.97 1.89
N GLN A 256 14.37 14.09 2.76
CA GLN A 256 15.78 13.79 2.95
C GLN A 256 16.29 12.63 2.12
N ASP A 257 15.38 11.77 1.63
CA ASP A 257 15.77 10.50 1.04
C ASP A 257 15.59 10.34 -0.46
N THR A 258 14.76 11.16 -1.09
CA THR A 258 14.53 11.01 -2.54
C THR A 258 15.78 11.49 -3.30
N TRP A 259 16.14 10.80 -4.38
CA TRP A 259 17.27 11.21 -5.20
C TRP A 259 16.92 12.49 -5.94
N VAL A 260 17.90 13.40 -5.95
CA VAL A 260 17.80 14.61 -6.70
C VAL A 260 18.63 14.45 -7.96
N CYS A 261 17.97 14.58 -9.10
CA CYS A 261 18.61 14.39 -10.39
C CYS A 261 18.79 15.71 -11.08
N VAL A 262 19.98 15.89 -11.63
CA VAL A 262 20.37 17.15 -12.27
C VAL A 262 20.79 16.86 -13.72
N ALA A 263 20.46 17.77 -14.62
CA ALA A 263 20.74 17.61 -16.04
C ALA A 263 21.72 18.66 -16.50
N PRO A 264 22.49 18.36 -17.54
CA PRO A 264 23.34 19.41 -18.10
C PRO A 264 22.49 20.32 -18.97
N GLN A 265 23.05 21.41 -19.46
CA GLN A 265 22.38 22.20 -20.45
C GLN A 265 22.11 21.29 -21.66
N ALA A 266 20.95 21.49 -22.28
CA ALA A 266 20.49 20.58 -23.33
C ALA A 266 21.27 20.76 -24.62
N ILE A 267 21.38 21.99 -25.09
CA ILE A 267 22.05 22.20 -26.37
C ILE A 267 23.57 21.87 -26.25
N GLY A 268 24.09 21.12 -27.23
CA GLY A 268 25.50 20.68 -27.28
C GLY A 268 25.80 19.37 -26.54
N VAL A 269 25.45 19.33 -25.26
CA VAL A 269 25.64 18.10 -24.45
C VAL A 269 24.73 16.94 -24.89
N ASN A 270 23.52 17.25 -25.37
CA ASN A 270 22.64 16.24 -25.99
C ASN A 270 23.30 15.55 -27.20
N GLN A 271 24.15 16.32 -27.89
CA GLN A 271 24.81 15.90 -29.14
C GLN A 271 26.26 15.43 -28.92
N GLY A 272 26.66 15.18 -27.68
CA GLY A 272 28.01 14.65 -27.39
C GLY A 272 29.11 15.63 -26.99
N LEU A 273 28.77 16.90 -26.74
CA LEU A 273 29.74 17.88 -26.20
C LEU A 273 29.82 17.72 -24.66
N PRO A 274 30.96 18.13 -24.04
CA PRO A 274 31.13 18.04 -22.59
C PRO A 274 30.34 19.08 -21.83
N SER A 275 29.85 18.73 -20.64
CA SER A 275 29.12 19.67 -19.77
C SER A 275 30.06 20.36 -18.78
N GLY A 276 29.72 21.61 -18.46
CA GLY A 276 30.41 22.37 -17.42
C GLY A 276 29.73 22.36 -16.06
N LEU A 277 28.77 21.46 -15.89
CA LEU A 277 28.10 21.33 -14.61
C LEU A 277 29.09 20.92 -13.52
N THR A 278 28.93 21.60 -12.37
CA THR A 278 29.78 21.44 -11.19
C THR A 278 29.01 20.68 -10.09
N LYS A 279 29.74 20.13 -9.14
CA LYS A 279 29.17 19.35 -8.03
C LYS A 279 28.12 20.10 -7.22
N ILE A 280 27.05 19.39 -6.90
CA ILE A 280 25.94 19.91 -6.10
C ILE A 280 26.08 19.25 -4.74
N ASP A 281 25.91 20.03 -3.66
CA ASP A 281 26.02 19.49 -2.29
C ASP A 281 24.70 19.03 -1.78
N ASP A 282 24.67 17.81 -1.25
CA ASP A 282 23.43 17.28 -0.70
C ASP A 282 23.52 17.44 0.83
N PRO A 283 22.68 18.30 1.41
CA PRO A 283 22.75 18.51 2.87
C PRO A 283 22.25 17.36 3.75
N ARG A 284 21.76 16.27 3.14
CA ARG A 284 21.24 15.12 3.91
C ARG A 284 22.33 14.47 4.70
N ALA A 285 21.95 13.81 5.79
CA ALA A 285 22.88 13.12 6.67
C ALA A 285 23.38 11.84 5.99
N GLY A 286 24.68 11.61 6.03
CA GLY A 286 25.25 10.40 5.38
C GLY A 286 25.56 10.61 3.91
N GLN A 287 25.44 9.54 3.10
CA GLN A 287 25.85 9.58 1.69
C GLN A 287 24.95 10.47 0.86
N GLN A 288 25.58 11.19 -0.06
CA GLN A 288 24.92 12.02 -1.07
C GLN A 288 23.90 11.22 -1.92
N ARG A 289 22.72 11.79 -2.15
CA ARG A 289 21.76 11.22 -3.12
C ARG A 289 21.42 12.18 -4.25
N ILE A 290 22.44 12.40 -5.08
CA ILE A 290 22.35 13.17 -6.33
C ILE A 290 22.60 12.16 -7.50
N ALA A 291 21.76 12.17 -8.51
CA ALA A 291 22.04 11.44 -9.76
C ALA A 291 22.11 12.39 -10.95
N TYR A 292 22.69 11.89 -12.04
CA TYR A 292 22.91 12.66 -13.24
C TYR A 292 21.90 12.19 -14.27
N CYS A 293 21.17 13.16 -14.85
CA CYS A 293 20.09 12.85 -15.77
C CYS A 293 20.22 13.53 -17.12
N PRO A 294 21.25 13.13 -17.90
CA PRO A 294 21.41 13.66 -19.22
C PRO A 294 20.39 13.11 -20.26
N HIS A 295 20.27 13.83 -21.37
CA HIS A 295 19.55 13.40 -22.57
C HIS A 295 20.57 13.00 -23.68
N LEU A 296 20.10 12.27 -24.69
CA LEU A 296 20.89 11.89 -25.83
C LEU A 296 20.07 12.12 -27.09
N TYR A 297 20.52 13.05 -27.94
CA TYR A 297 19.90 13.32 -29.26
C TYR A 297 20.91 13.62 -30.38
N PRO A 298 21.46 12.56 -30.99
CA PRO A 298 22.44 12.78 -32.05
C PRO A 298 21.81 13.51 -33.26
N GLY A 309 25.75 5.16 -44.60
CA GLY A 309 27.10 4.79 -44.19
C GLY A 309 27.75 5.82 -43.26
N LEU A 310 27.65 7.09 -43.65
CA LEU A 310 28.25 8.21 -42.91
C LEU A 310 27.38 8.59 -41.71
N ALA A 311 26.07 8.75 -41.96
CA ALA A 311 25.08 9.03 -40.90
C ALA A 311 25.13 8.02 -39.74
N ARG A 312 25.44 6.76 -40.05
CA ARG A 312 25.63 5.71 -39.04
C ARG A 312 26.92 5.88 -38.23
N THR A 313 28.02 6.17 -38.93
CA THR A 313 29.33 6.34 -38.29
C THR A 313 29.34 7.56 -37.36
N LEU A 314 28.69 8.63 -37.80
CA LEU A 314 28.43 9.80 -36.96
C LEU A 314 27.68 9.44 -35.67
N THR A 315 26.59 8.68 -35.82
CA THR A 315 25.74 8.28 -34.70
C THR A 315 26.52 7.42 -33.74
N ASP A 316 27.31 6.49 -34.29
CA ASP A 316 28.18 5.65 -33.50
C ASP A 316 29.22 6.40 -32.66
N VAL A 317 29.95 7.34 -33.27
CA VAL A 317 30.95 8.13 -32.51
C VAL A 317 30.28 9.09 -31.57
N THR A 318 29.09 9.55 -31.92
CA THR A 318 28.28 10.40 -31.03
C THR A 318 27.92 9.71 -29.70
N ILE A 319 27.54 8.44 -29.77
CA ILE A 319 27.25 7.66 -28.58
C ILE A 319 28.52 7.48 -27.72
N ASP A 320 29.66 7.29 -28.40
CA ASP A 320 30.95 7.12 -27.73
C ASP A 320 31.37 8.37 -27.02
N ALA A 321 31.28 9.50 -27.74
CA ALA A 321 31.50 10.84 -27.18
C ALA A 321 30.59 11.11 -25.98
N TRP A 322 29.30 10.87 -26.17
CA TRP A 322 28.30 11.05 -25.12
C TRP A 322 28.59 10.22 -23.83
N ARG A 323 28.88 8.94 -24.01
CA ARG A 323 29.25 8.07 -22.89
C ARG A 323 30.42 8.61 -22.10
N ALA A 324 31.48 9.01 -22.83
CA ALA A 324 32.69 9.55 -22.18
C ALA A 324 32.37 10.84 -21.45
N ASN A 325 31.59 11.72 -22.08
CA ASN A 325 31.21 13.00 -21.42
C ASN A 325 30.32 12.80 -20.22
N THR A 326 29.33 11.91 -20.36
CA THR A 326 28.40 11.58 -19.28
C THR A 326 29.14 10.96 -18.09
N ALA A 327 30.01 9.98 -18.38
CA ALA A 327 30.82 9.35 -17.35
C ALA A 327 31.69 10.37 -16.59
N HIS A 328 32.30 11.30 -17.31
CA HIS A 328 33.04 12.42 -16.69
C HIS A 328 32.24 13.27 -15.71
N THR A 329 31.11 13.80 -16.18
CA THR A 329 30.25 14.62 -15.31
C THR A 329 29.65 13.82 -14.14
N ALA A 330 29.33 12.56 -14.35
CA ALA A 330 28.92 11.69 -13.24
C ALA A 330 30.01 11.60 -12.15
N ARG A 331 31.27 11.52 -12.57
CA ARG A 331 32.44 11.60 -11.65
C ARG A 331 32.55 12.97 -10.93
N VAL A 332 32.56 14.06 -11.68
CA VAL A 332 32.51 15.45 -11.12
C VAL A 332 31.39 15.70 -10.08
N LEU A 333 30.22 15.10 -10.29
CA LEU A 333 29.09 15.32 -9.39
C LEU A 333 29.21 14.48 -8.09
N GLY A 334 30.09 13.47 -8.15
CA GLY A 334 30.49 12.66 -6.98
C GLY A 334 30.37 11.17 -7.22
N ASP A 335 30.68 10.72 -8.44
CA ASP A 335 30.53 9.32 -8.81
C ASP A 335 29.09 8.90 -8.66
N VAL A 336 28.21 9.67 -9.29
CA VAL A 336 26.77 9.52 -9.09
C VAL A 336 26.20 8.52 -10.10
N PRO A 337 25.04 7.91 -9.77
CA PRO A 337 24.24 7.12 -10.72
C PRO A 337 23.78 7.94 -11.90
N ILE A 338 23.64 7.27 -13.05
CA ILE A 338 23.27 7.93 -14.31
C ILE A 338 21.88 7.45 -14.70
N ILE A 339 20.98 8.38 -15.01
CA ILE A 339 19.72 8.05 -15.68
C ILE A 339 19.68 8.77 -17.03
N LEU A 340 19.57 8.01 -18.11
CA LEU A 340 19.32 8.55 -19.44
C LEU A 340 17.84 8.92 -19.50
N GLY A 341 17.57 10.19 -19.31
CA GLY A 341 16.23 10.67 -19.05
C GLY A 341 15.39 10.88 -20.29
N GLU A 342 16.07 11.08 -21.41
CA GLU A 342 15.42 11.24 -22.70
C GLU A 342 16.24 10.76 -23.86
N PHE A 343 15.64 9.82 -24.58
CA PHE A 343 16.14 9.41 -25.86
C PHE A 343 15.01 8.72 -26.64
N GLY A 344 14.95 8.97 -27.93
CA GLY A 344 13.97 8.33 -28.76
C GLY A 344 14.10 8.69 -30.21
N LEU A 345 13.35 8.00 -31.05
CA LEU A 345 13.29 8.37 -32.45
C LEU A 345 12.11 7.70 -33.16
N ASP A 346 11.92 8.10 -34.40
CA ASP A 346 10.92 7.55 -35.27
C ASP A 346 11.35 6.14 -35.57
N THR A 347 10.58 5.19 -35.01
CA THR A 347 10.89 3.74 -35.08
C THR A 347 10.71 3.15 -36.47
N THR A 348 9.98 3.87 -37.34
CA THR A 348 9.68 3.45 -38.71
C THR A 348 10.82 3.79 -39.68
N LEU A 349 11.85 4.47 -39.20
CA LEU A 349 13.02 4.78 -40.01
C LEU A 349 13.93 3.57 -40.03
N PRO A 350 14.40 3.18 -41.23
CA PRO A 350 15.35 2.07 -41.33
C PRO A 350 16.61 2.28 -40.48
N GLY A 351 17.10 1.22 -39.86
CA GLY A 351 18.23 1.31 -38.93
C GLY A 351 17.82 1.70 -37.51
N ALA A 352 16.51 1.95 -37.27
CA ALA A 352 16.01 2.41 -35.95
C ALA A 352 16.26 1.43 -34.83
N ARG A 353 15.86 0.17 -35.02
CA ARG A 353 16.03 -0.83 -34.00
C ARG A 353 17.51 -1.00 -33.63
N ASP A 354 18.37 -1.03 -34.64
CA ASP A 354 19.82 -1.13 -34.45
C ASP A 354 20.35 -0.01 -33.58
N TYR A 355 19.89 1.20 -33.85
CA TYR A 355 20.27 2.35 -33.05
C TYR A 355 19.77 2.26 -31.60
N ILE A 356 18.48 1.94 -31.44
CA ILE A 356 17.87 1.75 -30.13
C ILE A 356 18.66 0.71 -29.34
N GLU A 357 18.86 -0.45 -29.93
CA GLU A 357 19.64 -1.53 -29.31
C GLU A 357 21.06 -1.10 -28.92
N ARG A 358 21.70 -0.28 -29.76
CA ARG A 358 23.03 0.18 -29.46
C ARG A 358 22.99 1.14 -28.26
N VAL A 359 21.98 2.02 -28.19
CA VAL A 359 21.81 2.92 -27.03
C VAL A 359 21.58 2.15 -25.72
N TYR A 360 20.69 1.17 -25.74
CA TYR A 360 20.35 0.37 -24.55
C TYR A 360 21.53 -0.49 -24.04
N GLY A 361 22.32 -1.04 -24.96
CA GLY A 361 23.58 -1.71 -24.58
C GLY A 361 24.64 -0.77 -23.96
N THR A 362 24.74 0.45 -24.45
CA THR A 362 25.60 1.45 -23.84
C THR A 362 25.09 1.80 -22.43
N ALA A 363 23.78 1.99 -22.29
CA ALA A 363 23.15 2.23 -20.99
C ALA A 363 23.44 1.10 -20.02
N ARG A 364 23.28 -0.15 -20.48
CA ARG A 364 23.60 -1.33 -19.70
C ARG A 364 25.06 -1.37 -19.20
N GLU A 365 26.01 -1.23 -20.12
CA GLU A 365 27.41 -1.09 -19.78
C GLU A 365 27.72 0.04 -18.82
N MET A 366 27.04 1.17 -18.96
CA MET A 366 27.24 2.32 -18.07
C MET A 366 26.55 2.26 -16.71
N GLY A 367 25.74 1.21 -16.49
CA GLY A 367 24.92 1.14 -15.29
C GLY A 367 23.78 2.16 -15.28
N ALA A 368 23.30 2.58 -16.46
CA ALA A 368 22.33 3.70 -16.51
C ALA A 368 20.90 3.19 -16.52
N GLY A 369 20.03 3.98 -15.92
CA GLY A 369 18.61 3.85 -16.12
C GLY A 369 18.22 4.49 -17.45
N VAL A 370 17.04 4.16 -17.95
CA VAL A 370 16.59 4.66 -19.25
C VAL A 370 15.08 4.97 -19.23
N SER A 371 14.72 6.20 -19.57
CA SER A 371 13.33 6.51 -19.80
C SER A 371 13.25 6.96 -21.26
N TYR A 372 12.56 6.15 -22.07
CA TYR A 372 12.42 6.39 -23.49
C TYR A 372 11.48 7.56 -23.75
N TRP A 373 11.84 8.40 -24.71
CA TRP A 373 10.93 9.45 -25.19
C TRP A 373 10.18 8.99 -26.46
N SER A 374 8.88 8.64 -26.38
CA SER A 374 8.06 8.63 -25.16
C SER A 374 6.91 7.62 -25.30
N SER A 375 6.03 7.55 -24.31
CA SER A 375 4.89 6.66 -24.37
C SER A 375 3.69 7.21 -25.20
N ASP A 376 3.73 8.49 -25.61
CA ASP A 376 2.66 9.10 -26.39
C ASP A 376 2.44 8.29 -27.67
N PRO A 377 1.20 8.26 -28.15
CA PRO A 377 0.95 7.53 -29.41
C PRO A 377 1.69 8.15 -30.57
N GLY A 378 2.38 7.32 -31.36
CA GLY A 378 3.00 7.75 -32.61
C GLY A 378 4.10 6.81 -32.99
N PRO A 379 4.74 7.01 -34.17
CA PRO A 379 5.85 6.16 -34.64
C PRO A 379 7.13 6.19 -33.80
N TRP A 380 7.25 7.14 -32.89
CA TRP A 380 8.33 7.14 -31.90
C TRP A 380 8.03 6.23 -30.72
N GLY A 381 6.76 6.15 -30.35
CA GLY A 381 6.33 5.44 -29.14
C GLY A 381 6.16 3.95 -29.35
N PRO A 382 5.75 3.24 -28.29
CA PRO A 382 5.54 1.80 -28.37
C PRO A 382 4.27 1.36 -29.13
N TYR A 383 3.32 2.29 -29.28
CA TYR A 383 2.02 2.04 -29.89
C TYR A 383 1.63 3.20 -30.82
N LEU A 384 1.12 2.88 -32.03
CA LEU A 384 0.45 3.89 -32.88
C LEU A 384 -0.89 4.26 -32.24
N PRO A 385 -1.50 5.38 -32.69
CA PRO A 385 -2.79 5.83 -32.16
C PRO A 385 -3.93 4.78 -32.08
N ASP A 386 -4.04 3.87 -33.06
CA ASP A 386 -5.10 2.82 -32.97
C ASP A 386 -4.78 1.68 -31.99
N GLY A 387 -3.60 1.77 -31.35
CA GLY A 387 -3.17 0.80 -30.33
C GLY A 387 -2.23 -0.27 -30.85
N THR A 388 -1.85 -0.16 -32.12
CA THR A 388 -1.00 -1.15 -32.78
C THR A 388 0.45 -0.96 -32.33
N GLN A 389 1.11 -2.07 -31.98
CA GLN A 389 2.48 -2.03 -31.46
C GLN A 389 3.42 -1.61 -32.54
N THR A 390 4.38 -0.78 -32.17
CA THR A 390 5.49 -0.47 -33.07
C THR A 390 6.58 -1.48 -32.80
N LEU A 391 7.61 -1.40 -33.62
CA LEU A 391 8.81 -2.18 -33.48
C LEU A 391 9.48 -2.03 -32.11
N LEU A 392 9.20 -0.91 -31.43
CA LEU A 392 9.76 -0.65 -30.10
C LEU A 392 9.36 -1.72 -29.07
N VAL A 393 8.12 -2.18 -29.10
CA VAL A 393 7.68 -3.18 -28.14
C VAL A 393 8.55 -4.44 -28.10
N ASP A 394 8.69 -5.14 -29.22
CA ASP A 394 9.60 -6.31 -29.27
C ASP A 394 11.06 -5.93 -28.96
N THR A 395 11.48 -4.72 -29.33
CA THR A 395 12.87 -4.31 -29.14
C THR A 395 13.13 -4.19 -27.64
N LEU A 396 12.15 -3.66 -26.91
CA LEU A 396 12.35 -3.33 -25.51
C LEU A 396 12.02 -4.52 -24.62
N ASN A 397 11.21 -5.47 -25.11
CA ASN A 397 10.71 -6.56 -24.29
C ASN A 397 11.78 -7.64 -24.13
N LYS A 398 12.77 -7.33 -23.31
CA LYS A 398 13.88 -8.23 -23.02
C LYS A 398 13.94 -8.50 -21.51
N PRO A 399 14.46 -9.68 -21.12
CA PRO A 399 14.68 -9.95 -19.69
C PRO A 399 15.69 -8.95 -19.12
N TYR A 400 15.53 -8.53 -17.87
CA TYR A 400 16.50 -7.61 -17.27
C TYR A 400 16.41 -7.75 -15.74
N PRO A 401 17.55 -7.54 -15.05
CA PRO A 401 17.44 -7.50 -13.60
C PRO A 401 16.84 -6.15 -13.22
N ARG A 402 15.79 -6.16 -12.40
CA ARG A 402 15.13 -4.94 -11.93
C ARG A 402 15.76 -4.37 -10.65
N ALA A 403 15.93 -5.25 -9.67
CA ALA A 403 16.44 -4.89 -8.35
C ALA A 403 17.43 -5.96 -7.95
N VAL A 404 18.70 -5.59 -7.84
CA VAL A 404 19.77 -6.56 -7.59
C VAL A 404 20.25 -6.52 -6.13
N ALA A 405 20.26 -7.69 -5.50
CA ALA A 405 20.80 -7.87 -4.14
C ALA A 405 22.34 -7.79 -4.13
N GLY A 406 22.88 -6.59 -4.36
CA GLY A 406 24.32 -6.37 -4.61
C GLY A 406 24.54 -5.51 -5.84
N THR A 407 25.79 -5.27 -6.20
CA THR A 407 26.10 -4.48 -7.41
C THR A 407 26.15 -5.35 -8.66
N PRO A 408 25.31 -5.04 -9.66
CA PRO A 408 25.46 -5.76 -10.93
C PRO A 408 26.76 -5.29 -11.62
N THR A 409 27.68 -6.20 -11.84
CA THR A 409 28.99 -5.84 -12.44
C THR A 409 28.85 -5.93 -13.94
N GLU A 410 28.14 -6.95 -14.40
CA GLU A 410 27.92 -7.21 -15.81
C GLU A 410 26.65 -8.04 -15.95
N TRP A 411 25.86 -7.78 -17.00
CA TRP A 411 24.77 -8.68 -17.39
C TRP A 411 24.48 -8.63 -18.90
N SER A 412 23.77 -9.64 -19.38
CA SER A 412 23.30 -9.70 -20.76
C SER A 412 21.98 -10.42 -20.81
N SER A 413 21.26 -10.18 -21.89
CA SER A 413 20.02 -10.88 -22.12
C SER A 413 19.68 -11.01 -23.60
N THR A 414 19.18 -12.20 -23.94
CA THR A 414 18.48 -12.47 -25.18
C THR A 414 17.04 -12.80 -24.81
N SER A 415 16.22 -13.13 -25.81
CA SER A 415 14.80 -13.35 -25.56
C SER A 415 14.52 -14.60 -24.70
N ASP A 416 15.50 -15.51 -24.59
CA ASP A 416 15.37 -16.74 -23.79
C ASP A 416 16.58 -17.07 -22.89
N ARG A 417 17.33 -16.06 -22.51
CA ARG A 417 18.47 -16.21 -21.62
C ARG A 417 18.79 -14.89 -20.91
N LEU A 418 18.99 -14.97 -19.59
CA LEU A 418 19.58 -13.87 -18.86
C LEU A 418 20.78 -14.34 -18.06
N GLN A 419 21.86 -13.58 -18.14
CA GLN A 419 23.00 -13.80 -17.29
C GLN A 419 23.39 -12.53 -16.55
N LEU A 420 23.73 -12.66 -15.27
CA LEU A 420 24.01 -11.53 -14.38
C LEU A 420 25.13 -11.86 -13.40
N THR A 421 26.11 -10.97 -13.26
CA THR A 421 27.17 -11.16 -12.26
C THR A 421 26.98 -10.11 -11.15
N ILE A 422 26.95 -10.59 -9.91
CA ILE A 422 26.70 -9.73 -8.73
C ILE A 422 27.91 -9.67 -7.82
N GLU A 423 28.19 -8.45 -7.36
CA GLU A 423 29.17 -8.17 -6.34
C GLU A 423 28.43 -8.20 -5.01
N PRO A 424 28.73 -9.22 -4.16
CA PRO A 424 27.87 -9.54 -3.01
C PRO A 424 27.69 -8.44 -1.97
N ASP A 425 26.56 -8.46 -1.28
CA ASP A 425 26.31 -7.56 -0.15
C ASP A 425 25.51 -8.31 0.92
N ALA A 426 26.18 -8.70 2.00
CA ALA A 426 25.57 -9.57 3.04
C ALA A 426 24.47 -8.87 3.85
N ALA A 427 24.50 -7.54 3.84
CA ALA A 427 23.51 -6.75 4.54
C ALA A 427 22.16 -6.69 3.84
N ILE A 428 22.11 -7.08 2.56
CA ILE A 428 20.86 -7.20 1.82
C ILE A 428 20.21 -8.55 2.09
N THR A 429 18.97 -8.54 2.60
CA THR A 429 18.16 -9.77 2.77
C THR A 429 17.09 -9.98 1.67
N ALA A 430 16.65 -8.92 1.00
CA ALA A 430 15.68 -9.04 -0.10
C ALA A 430 16.29 -9.80 -1.29
N PRO A 431 15.46 -10.60 -2.01
CA PRO A 431 15.99 -11.32 -3.16
C PRO A 431 16.32 -10.42 -4.37
N THR A 432 17.15 -10.93 -5.27
CA THR A 432 17.35 -10.32 -6.61
C THR A 432 16.07 -10.59 -7.41
N GLU A 433 15.56 -9.54 -8.04
CA GLU A 433 14.29 -9.57 -8.77
C GLU A 433 14.53 -9.30 -10.25
N ILE A 434 14.06 -10.23 -11.08
CA ILE A 434 14.36 -10.23 -12.52
C ILE A 434 13.04 -10.36 -13.28
N TYR A 435 12.93 -9.62 -14.38
CA TYR A 435 11.80 -9.75 -15.31
C TYR A 435 12.10 -10.74 -16.43
N LEU A 436 11.19 -11.69 -16.67
CA LEU A 436 11.30 -12.64 -17.78
C LEU A 436 10.03 -12.58 -18.64
N PRO A 437 10.17 -12.23 -19.95
CA PRO A 437 9.06 -12.22 -20.88
C PRO A 437 8.51 -13.61 -21.16
N GLU A 438 7.21 -13.68 -21.40
CA GLU A 438 6.52 -14.93 -21.60
C GLU A 438 6.85 -15.59 -22.93
N ALA A 439 7.08 -14.81 -23.98
CA ALA A 439 7.45 -15.38 -25.28
C ALA A 439 8.61 -16.34 -25.14
N GLY A 440 9.68 -15.88 -24.48
CA GLY A 440 10.89 -16.67 -24.25
C GLY A 440 10.89 -17.62 -23.06
N PHE A 441 10.07 -17.36 -22.04
CA PHE A 441 9.96 -18.20 -20.85
C PHE A 441 8.48 -18.56 -20.62
N PRO A 442 7.94 -19.48 -21.44
CA PRO A 442 6.51 -19.79 -21.40
C PRO A 442 6.06 -20.65 -20.21
N GLY A 443 6.97 -21.36 -19.55
CA GLY A 443 6.63 -22.14 -18.37
C GLY A 443 7.47 -21.79 -17.16
N ASP A 444 8.23 -22.78 -16.70
CA ASP A 444 9.10 -22.70 -15.55
C ASP A 444 10.50 -22.21 -15.99
N VAL A 445 11.35 -21.95 -15.01
CA VAL A 445 12.69 -21.42 -15.24
C VAL A 445 13.72 -22.45 -14.87
N HIS A 446 14.91 -22.31 -15.43
CA HIS A 446 16.05 -23.08 -15.00
C HIS A 446 17.13 -22.10 -14.60
N VAL A 447 17.54 -22.17 -13.33
CA VAL A 447 18.46 -21.21 -12.76
C VAL A 447 19.75 -21.94 -12.28
N GLU A 448 20.92 -21.39 -12.64
CA GLU A 448 22.23 -21.83 -12.15
C GLU A 448 22.92 -20.67 -11.46
N GLY A 449 23.57 -20.94 -10.33
CA GLY A 449 24.33 -19.91 -9.59
C GLY A 449 23.48 -19.20 -8.55
N ALA A 450 22.28 -19.71 -8.33
CA ALA A 450 21.34 -19.10 -7.39
C ALA A 450 20.18 -20.07 -7.18
N ASP A 451 19.49 -19.87 -6.06
CA ASP A 451 18.30 -20.61 -5.69
C ASP A 451 17.04 -19.81 -6.03
N VAL A 452 16.05 -20.45 -6.64
CA VAL A 452 14.78 -19.77 -6.95
C VAL A 452 13.97 -19.55 -5.64
N VAL A 453 13.67 -18.29 -5.32
CA VAL A 453 12.83 -17.95 -4.16
C VAL A 453 11.36 -17.94 -4.58
N GLY A 454 11.06 -17.30 -5.72
CA GLY A 454 9.76 -17.40 -6.31
C GLY A 454 9.73 -17.07 -7.80
N TRP A 455 8.76 -17.66 -8.49
CA TRP A 455 8.58 -17.42 -9.90
C TRP A 455 7.10 -17.12 -10.13
N ASP A 456 6.80 -15.84 -10.29
CA ASP A 456 5.45 -15.36 -10.53
C ASP A 456 5.24 -15.22 -12.04
N ARG A 457 4.51 -16.17 -12.61
CA ARG A 457 4.35 -16.24 -14.05
C ARG A 457 3.31 -15.23 -14.59
N GLN A 458 2.59 -14.58 -13.66
CA GLN A 458 1.63 -13.55 -14.01
C GLN A 458 2.27 -12.17 -14.03
N SER A 459 2.97 -11.81 -12.96
CA SER A 459 3.68 -10.55 -12.89
C SER A 459 4.99 -10.58 -13.66
N ARG A 460 5.43 -11.80 -14.01
CA ARG A 460 6.68 -12.08 -14.70
C ARG A 460 7.93 -11.75 -13.86
N LEU A 461 7.80 -11.81 -12.54
CA LEU A 461 8.93 -11.53 -11.68
C LEU A 461 9.49 -12.82 -11.09
N LEU A 462 10.76 -13.08 -11.43
CA LEU A 462 11.56 -14.14 -10.81
C LEU A 462 12.39 -13.54 -9.67
N THR A 463 12.32 -14.15 -8.48
CA THR A 463 13.15 -13.74 -7.36
C THR A 463 14.13 -14.88 -7.00
N VAL A 464 15.41 -14.54 -6.92
CA VAL A 464 16.47 -15.50 -6.59
C VAL A 464 17.28 -14.98 -5.42
N ARG A 465 17.96 -15.94 -4.78
CA ARG A 465 18.81 -15.68 -3.65
C ARG A 465 20.20 -16.22 -3.98
N THR A 466 21.20 -15.36 -3.76
CA THR A 466 22.60 -15.74 -4.02
C THR A 466 23.45 -15.74 -2.74
N PRO A 467 24.50 -16.60 -2.67
CA PRO A 467 25.55 -16.52 -1.65
C PRO A 467 26.23 -15.14 -1.56
N ALA A 468 26.46 -14.67 -0.32
CA ALA A 468 27.13 -13.37 -0.08
C ALA A 468 28.57 -13.51 0.45
N ASP A 469 28.98 -14.76 0.73
CA ASP A 469 30.24 -15.08 1.39
C ASP A 469 31.23 -15.80 0.47
N SER A 470 31.05 -15.65 -0.85
CA SER A 470 31.80 -16.44 -1.81
C SER A 470 32.29 -15.65 -3.03
N GLY A 471 32.52 -14.37 -2.83
CA GLY A 471 32.87 -13.45 -3.93
C GLY A 471 31.76 -13.22 -4.95
N ASN A 472 32.13 -12.64 -6.09
CA ASN A 472 31.20 -12.33 -7.16
C ASN A 472 30.46 -13.57 -7.65
N VAL A 473 29.14 -13.44 -7.81
CA VAL A 473 28.29 -14.57 -8.19
C VAL A 473 27.71 -14.33 -9.60
N THR A 474 27.67 -15.37 -10.44
CA THR A 474 27.04 -15.30 -11.74
C THR A 474 25.79 -16.18 -11.78
N VAL A 475 24.65 -15.53 -12.02
CA VAL A 475 23.37 -16.23 -12.16
C VAL A 475 23.01 -16.33 -13.63
N THR A 476 22.62 -17.51 -14.06
CA THR A 476 22.15 -17.69 -15.42
C THR A 476 20.73 -18.29 -15.44
N VAL A 477 19.84 -17.66 -16.21
CA VAL A 477 18.44 -18.07 -16.27
C VAL A 477 18.03 -18.49 -17.68
N THR A 478 17.43 -19.66 -17.78
CA THR A 478 16.99 -20.21 -19.07
C THR A 478 15.65 -20.91 -18.87
N PRO A 479 14.91 -21.15 -19.97
CA PRO A 479 13.58 -21.70 -19.78
C PRO A 479 13.71 -23.19 -19.45
N ALA A 480 12.75 -23.70 -18.67
CA ALA A 480 12.75 -25.08 -18.25
C ALA A 480 12.55 -25.95 -19.47
N ALA A 481 13.11 -27.16 -19.43
CA ALA A 481 12.98 -28.10 -20.51
C ALA A 481 11.57 -28.66 -20.49
N PRO B 34 -18.88 -24.10 4.58
CA PRO B 34 -18.35 -23.01 5.43
C PRO B 34 -18.06 -21.76 4.61
N SER B 35 -18.44 -20.61 5.15
CA SER B 35 -18.37 -19.33 4.43
C SER B 35 -17.31 -18.39 4.96
N TYR B 36 -16.73 -17.60 4.06
CA TYR B 36 -15.65 -16.67 4.43
C TYR B 36 -15.91 -15.26 3.97
N LEU B 37 -15.41 -14.30 4.74
CA LEU B 37 -15.24 -12.91 4.28
C LEU B 37 -14.13 -12.93 3.26
N LYS B 38 -14.19 -11.99 2.32
CA LYS B 38 -13.27 -11.98 1.18
C LYS B 38 -12.59 -10.65 1.04
N ASP B 39 -11.40 -10.67 0.45
CA ASP B 39 -10.74 -9.44 0.09
C ASP B 39 -11.15 -8.98 -1.30
N ASP B 40 -10.59 -7.84 -1.71
CA ASP B 40 -10.82 -7.21 -3.02
C ASP B 40 -10.40 -8.05 -4.22
N ASP B 41 -9.49 -9.01 -4.00
CA ASP B 41 -9.07 -9.94 -5.06
C ASP B 41 -9.96 -11.20 -5.04
N GLY B 42 -10.94 -11.27 -4.15
CA GLY B 42 -11.84 -12.43 -4.06
C GLY B 42 -11.33 -13.62 -3.23
N ARG B 43 -10.24 -13.40 -2.48
CA ARG B 43 -9.64 -14.46 -1.67
C ARG B 43 -10.31 -14.55 -0.31
N SER B 44 -10.47 -15.79 0.18
CA SER B 44 -11.11 -16.09 1.46
C SER B 44 -10.15 -15.81 2.59
N LEU B 45 -10.67 -15.14 3.63
CA LEU B 45 -9.86 -14.65 4.71
C LEU B 45 -9.96 -15.57 5.94
N ILE B 46 -8.80 -16.01 6.42
CA ILE B 46 -8.73 -16.68 7.72
C ILE B 46 -8.15 -15.63 8.64
N LEU B 47 -8.98 -15.14 9.55
CA LEU B 47 -8.66 -13.98 10.34
C LEU B 47 -8.15 -14.38 11.74
N ARG B 48 -7.01 -13.82 12.14
CA ARG B 48 -6.40 -14.16 13.42
C ARG B 48 -5.80 -12.93 14.10
N GLY B 49 -6.33 -12.60 15.27
CA GLY B 49 -5.82 -11.48 16.00
C GLY B 49 -6.37 -11.31 17.40
N PHE B 50 -6.33 -10.07 17.87
CA PHE B 50 -6.74 -9.68 19.19
C PHE B 50 -7.84 -8.64 19.12
N ASN B 51 -8.50 -8.55 20.27
CA ASN B 51 -9.29 -7.41 20.65
C ASN B 51 -8.34 -6.36 21.18
N THR B 52 -8.36 -5.19 20.58
CA THR B 52 -7.47 -4.11 20.97
C THR B 52 -8.27 -2.81 21.10
N ALA B 53 -8.40 -2.26 22.31
CA ALA B 53 -7.99 -2.85 23.57
C ALA B 53 -8.94 -2.35 24.67
N SER B 54 -9.01 -3.05 25.79
CA SER B 54 -9.99 -2.71 26.82
C SER B 54 -9.66 -1.34 27.42
N SER B 55 -8.37 -1.00 27.39
CA SER B 55 -7.86 0.31 27.83
C SER B 55 -8.59 1.47 27.13
N ALA B 56 -9.08 1.24 25.91
CA ALA B 56 -9.85 2.24 25.16
C ALA B 56 -11.12 2.67 25.89
N LYS B 57 -11.67 1.75 26.68
CA LYS B 57 -12.99 1.96 27.31
C LYS B 57 -13.09 3.19 28.19
N SER B 58 -12.02 3.44 28.97
CA SER B 58 -11.99 4.52 29.95
C SER B 58 -11.19 5.73 29.52
N ALA B 59 -10.62 5.67 28.31
CA ALA B 59 -9.68 6.68 27.88
C ALA B 59 -10.48 7.88 27.38
N PRO B 60 -10.26 9.09 27.95
CA PRO B 60 -11.01 10.29 27.52
C PRO B 60 -11.03 10.46 26.00
N ASP B 61 -9.89 10.23 25.35
CA ASP B 61 -9.79 10.37 23.93
C ASP B 61 -10.24 9.14 23.14
N GLY B 62 -10.71 8.09 23.82
CA GLY B 62 -11.34 6.95 23.13
C GLY B 62 -10.39 5.92 22.54
N MET B 63 -9.09 6.11 22.79
CA MET B 63 -8.04 5.31 22.18
C MET B 63 -7.46 4.35 23.18
N PRO B 64 -7.04 3.17 22.72
CA PRO B 64 -6.41 2.18 23.58
C PRO B 64 -5.00 2.62 23.94
N GLN B 65 -4.48 2.15 25.08
CA GLN B 65 -3.06 2.34 25.39
C GLN B 65 -2.23 1.28 24.68
N PHE B 66 -2.11 1.52 23.39
CA PHE B 66 -1.54 0.57 22.49
C PHE B 66 -0.93 1.49 21.48
N THR B 67 0.37 1.33 21.28
CA THR B 67 1.15 2.09 20.29
C THR B 67 1.49 1.30 19.02
N GLU B 68 2.04 2.02 18.05
CA GLU B 68 2.52 1.42 16.81
C GLU B 68 3.69 0.44 17.08
N ALA B 69 4.47 0.69 18.13
CA ALA B 69 5.53 -0.23 18.54
C ALA B 69 4.92 -1.48 19.15
N ASP B 70 3.84 -1.34 19.89
CA ASP B 70 3.12 -2.49 20.41
C ASP B 70 2.64 -3.38 19.25
N LEU B 71 2.12 -2.75 18.18
CA LEU B 71 1.67 -3.51 17.01
C LEU B 71 2.83 -4.21 16.25
N ALA B 72 3.99 -3.55 16.13
CA ALA B 72 5.15 -4.15 15.47
C ALA B 72 5.63 -5.36 16.26
N ARG B 73 5.58 -5.29 17.61
CA ARG B 73 5.90 -6.45 18.44
C ARG B 73 4.90 -7.58 18.23
N GLU B 74 3.61 -7.25 18.21
CA GLU B 74 2.58 -8.25 17.97
C GLU B 74 2.77 -8.99 16.64
N TYR B 75 3.03 -8.22 15.58
CA TYR B 75 3.21 -8.79 14.27
C TYR B 75 4.48 -9.66 14.26
N ALA B 76 5.58 -9.10 14.80
CA ALA B 76 6.84 -9.82 14.87
C ALA B 76 6.69 -11.14 15.65
N ASP B 77 5.94 -11.09 16.75
CA ASP B 77 5.77 -12.27 17.61
C ASP B 77 4.74 -13.34 17.19
N MET B 78 3.65 -12.97 16.52
CA MET B 78 2.55 -13.91 16.22
C MET B 78 1.99 -13.87 14.78
N GLY B 79 2.43 -12.91 13.96
CA GLY B 79 2.01 -12.86 12.56
C GLY B 79 0.52 -12.72 12.32
N THR B 80 -0.16 -11.98 13.20
CA THR B 80 -1.60 -11.77 13.16
C THR B 80 -2.01 -10.91 11.97
N ASN B 81 -3.22 -11.13 11.49
CA ASN B 81 -3.71 -10.44 10.30
C ASN B 81 -5.07 -9.76 10.53
N PHE B 82 -5.51 -9.72 11.77
CA PHE B 82 -6.85 -9.27 12.13
C PHE B 82 -6.79 -8.49 13.44
N VAL B 83 -7.63 -7.49 13.56
CA VAL B 83 -7.89 -6.87 14.84
C VAL B 83 -9.37 -6.63 14.99
N ARG B 84 -9.86 -6.78 16.21
CA ARG B 84 -11.16 -6.25 16.60
C ARG B 84 -10.89 -5.02 17.44
N PHE B 85 -10.98 -3.88 16.78
CA PHE B 85 -10.62 -2.59 17.35
C PHE B 85 -11.83 -1.97 18.04
N LEU B 86 -11.69 -1.68 19.33
CA LEU B 86 -12.80 -1.12 20.12
C LEU B 86 -12.95 0.37 19.82
N ILE B 87 -14.14 0.72 19.37
CA ILE B 87 -14.61 2.10 19.31
C ILE B 87 -15.83 2.22 20.28
N SER B 88 -16.37 3.43 20.43
CA SER B 88 -17.46 3.65 21.38
C SER B 88 -18.43 4.68 20.88
N TRP B 89 -19.70 4.47 21.21
CA TRP B 89 -20.76 5.43 20.93
C TRP B 89 -20.50 6.79 21.60
N ARG B 90 -19.95 6.77 22.80
CA ARG B 90 -19.72 8.00 23.54
C ARG B 90 -18.66 8.89 22.85
N SER B 91 -17.73 8.23 22.16
CA SER B 91 -16.68 8.85 21.36
C SER B 91 -17.17 9.28 19.95
N VAL B 92 -17.92 8.41 19.30
CA VAL B 92 -18.47 8.77 18.01
C VAL B 92 -19.43 10.00 18.11
N GLU B 93 -20.38 9.94 19.04
CA GLU B 93 -21.49 10.91 19.16
C GLU B 93 -21.58 11.45 20.57
N PRO B 94 -20.60 12.26 21.00
CA PRO B 94 -20.54 12.69 22.40
C PRO B 94 -21.60 13.71 22.80
N ALA B 95 -22.33 14.25 21.81
CA ALA B 95 -23.46 15.13 22.02
C ALA B 95 -24.51 14.67 21.03
N PRO B 96 -25.79 14.84 21.37
CA PRO B 96 -26.79 14.34 20.43
C PRO B 96 -26.74 15.05 19.05
N GLY B 97 -26.57 14.25 18.01
CA GLY B 97 -26.54 14.75 16.65
C GLY B 97 -25.20 15.30 16.17
N VAL B 98 -24.16 15.12 16.98
CA VAL B 98 -22.84 15.66 16.71
C VAL B 98 -21.80 14.56 16.73
N TYR B 99 -21.21 14.30 15.57
CA TYR B 99 -20.19 13.27 15.45
C TYR B 99 -18.81 13.90 15.58
N ASP B 100 -17.94 13.23 16.35
CA ASP B 100 -16.62 13.71 16.62
C ASP B 100 -15.58 13.28 15.56
N GLN B 101 -15.32 14.16 14.62
CA GLN B 101 -14.47 13.87 13.49
C GLN B 101 -13.00 13.85 13.86
N GLN B 102 -12.60 14.54 14.91
CA GLN B 102 -11.26 14.35 15.49
C GLN B 102 -11.06 12.93 16.05
N TYR B 103 -12.11 12.37 16.64
CA TYR B 103 -12.03 11.02 17.20
C TYR B 103 -11.85 10.04 16.05
N LEU B 104 -12.74 10.14 15.06
CA LEU B 104 -12.63 9.37 13.82
C LEU B 104 -11.30 9.54 13.07
N ASP B 105 -10.62 10.68 13.24
CA ASP B 105 -9.27 10.87 12.67
C ASP B 105 -8.29 10.00 13.46
N ARG B 106 -8.40 10.00 14.80
CA ARG B 106 -7.59 9.17 15.68
C ARG B 106 -7.78 7.69 15.39
N VAL B 107 -9.02 7.27 15.25
CA VAL B 107 -9.34 5.90 14.83
C VAL B 107 -8.68 5.54 13.49
N GLU B 108 -8.69 6.46 12.55
CA GLU B 108 -8.17 6.23 11.21
C GLU B 108 -6.66 6.12 11.23
N ASP B 109 -6.05 6.96 12.04
CA ASP B 109 -4.63 6.90 12.32
C ASP B 109 -4.25 5.49 12.78
N ARG B 110 -5.01 4.92 13.70
CA ARG B 110 -4.69 3.58 14.21
C ARG B 110 -4.95 2.49 13.14
N VAL B 111 -6.07 2.61 12.44
CA VAL B 111 -6.34 1.73 11.31
C VAL B 111 -5.20 1.78 10.27
N GLY B 112 -4.56 2.94 10.16
CA GLY B 112 -3.38 3.11 9.35
C GLY B 112 -2.19 2.27 9.77
N TRP B 113 -1.96 2.10 11.07
CA TRP B 113 -0.88 1.23 11.55
C TRP B 113 -1.11 -0.22 11.11
N TYR B 114 -2.37 -0.64 11.24
CA TYR B 114 -2.84 -1.93 10.82
C TYR B 114 -2.73 -2.14 9.33
N ALA B 115 -3.17 -1.17 8.54
CA ALA B 115 -3.16 -1.29 7.09
C ALA B 115 -1.72 -1.47 6.54
N GLU B 116 -0.77 -0.74 7.11
CA GLU B 116 0.63 -0.81 6.72
C GLU B 116 1.24 -2.18 6.91
N ARG B 117 0.67 -2.97 7.84
CA ARG B 117 1.20 -4.28 8.17
C ARG B 117 0.34 -5.43 7.66
N GLY B 118 -0.51 -5.16 6.68
CA GLY B 118 -1.34 -6.18 6.07
C GLY B 118 -2.56 -6.63 6.88
N TYR B 119 -2.88 -5.93 7.95
CA TYR B 119 -4.06 -6.27 8.76
C TYR B 119 -5.39 -5.87 8.13
N LYS B 120 -6.41 -6.70 8.41
CA LYS B 120 -7.81 -6.33 8.25
C LYS B 120 -8.39 -5.98 9.60
N VAL B 121 -9.29 -4.99 9.63
CA VAL B 121 -9.78 -4.44 10.88
C VAL B 121 -11.27 -4.65 10.97
N MET B 122 -11.71 -5.13 12.14
CA MET B 122 -13.13 -5.07 12.52
C MET B 122 -13.30 -3.94 13.55
N LEU B 123 -14.18 -2.98 13.26
CA LEU B 123 -14.54 -1.91 14.19
C LEU B 123 -15.72 -2.36 15.05
N ASP B 124 -15.52 -2.38 16.37
CA ASP B 124 -16.46 -2.89 17.37
C ASP B 124 -17.00 -1.72 18.19
N MET B 125 -18.31 -1.49 18.06
CA MET B 125 -19.01 -0.51 18.88
C MET B 125 -19.25 -1.12 20.27
N HIS B 126 -18.28 -0.90 21.15
CA HIS B 126 -18.16 -1.62 22.39
C HIS B 126 -18.92 -0.97 23.53
N GLN B 127 -19.65 -1.80 24.28
CA GLN B 127 -20.23 -1.42 25.55
C GLN B 127 -20.07 -2.62 26.46
N ASP B 128 -19.89 -2.30 27.74
CA ASP B 128 -20.21 -3.19 28.87
C ASP B 128 -21.04 -2.41 29.89
N VAL B 129 -22.19 -2.97 30.29
CA VAL B 129 -23.06 -2.40 31.33
C VAL B 129 -23.60 -1.03 30.87
N TYR B 130 -23.89 -0.96 29.57
CA TYR B 130 -24.50 0.20 28.89
C TYR B 130 -23.58 1.41 28.72
N SER B 131 -22.99 1.87 29.81
CA SER B 131 -22.30 3.15 29.83
C SER B 131 -21.54 3.35 31.11
N GLY B 132 -20.54 4.21 31.06
CA GLY B 132 -19.82 4.63 32.24
C GLY B 132 -20.61 5.61 33.09
N ALA B 133 -21.66 6.20 32.53
CA ALA B 133 -22.55 7.14 33.23
C ALA B 133 -23.49 6.46 34.24
N ILE B 134 -23.39 5.14 34.40
CA ILE B 134 -24.30 4.38 35.28
C ILE B 134 -23.97 4.56 36.77
N THR B 135 -22.76 5.00 37.10
CA THR B 135 -22.43 5.53 38.44
C THR B 135 -21.61 6.83 38.31
N PRO B 136 -21.62 7.69 39.35
CA PRO B 136 -20.66 8.81 39.35
C PRO B 136 -19.18 8.38 39.44
N GLU B 137 -18.87 7.37 40.27
CA GLU B 137 -17.48 6.97 40.51
C GLU B 137 -16.90 6.11 39.38
N GLY B 143 -19.46 9.05 29.41
CA GLY B 143 -19.84 7.66 29.15
C GLY B 143 -18.68 6.64 29.13
N ALA B 144 -17.44 7.14 29.20
CA ALA B 144 -16.26 6.30 29.30
C ALA B 144 -16.25 5.67 30.67
N GLY B 145 -15.70 4.48 30.78
CA GLY B 145 -15.37 3.93 32.09
C GLY B 145 -14.56 2.64 32.04
N ALA B 146 -13.98 2.27 33.18
CA ALA B 146 -13.18 1.02 33.31
C ALA B 146 -14.07 -0.22 33.41
N ILE B 147 -15.21 -0.07 34.09
CA ILE B 147 -16.18 -1.15 34.25
C ILE B 147 -17.35 -0.91 33.27
N GLY B 148 -18.36 -0.14 33.68
CA GLY B 148 -19.38 0.35 32.72
C GLY B 148 -18.75 1.24 31.64
N ASN B 149 -19.20 1.13 30.41
CA ASN B 149 -18.57 1.87 29.32
C ASN B 149 -19.40 1.74 28.09
N GLY B 150 -19.41 2.78 27.25
CA GLY B 150 -20.01 2.66 25.93
C GLY B 150 -20.82 3.87 25.53
N ALA B 151 -22.09 3.87 25.88
CA ALA B 151 -23.01 4.93 25.51
C ALA B 151 -22.66 6.28 26.16
N PRO B 152 -22.95 7.39 25.45
CA PRO B 152 -22.69 8.70 26.03
C PRO B 152 -23.69 9.01 27.14
N ALA B 153 -23.29 9.90 28.06
CA ALA B 153 -24.14 10.30 29.20
C ALA B 153 -25.54 10.69 28.80
N TRP B 154 -25.68 11.39 27.65
CA TRP B 154 -26.98 11.91 27.21
C TRP B 154 -27.91 10.82 26.73
N ALA B 155 -27.33 9.65 26.49
CA ALA B 155 -28.05 8.51 25.94
C ALA B 155 -28.39 7.57 27.08
N THR B 156 -27.97 7.93 28.29
CA THR B 156 -28.13 7.12 29.50
C THR B 156 -29.24 7.65 30.43
N TYR B 157 -30.32 6.86 30.53
CA TYR B 157 -31.52 7.21 31.23
C TYR B 157 -31.89 6.16 32.27
N MET B 158 -31.44 6.35 33.50
CA MET B 158 -31.73 5.40 34.57
C MET B 158 -32.98 5.80 35.35
N ASP B 159 -33.49 7.01 35.10
CA ASP B 159 -34.73 7.54 35.71
C ASP B 159 -34.73 7.50 37.24
N GLY B 160 -33.58 7.79 37.86
CA GLY B 160 -33.46 7.78 39.32
C GLY B 160 -33.28 6.44 40.03
N LEU B 161 -33.19 5.34 39.27
CA LEU B 161 -33.14 4.02 39.89
C LEU B 161 -31.73 3.68 40.28
N PRO B 162 -31.55 2.92 41.38
CA PRO B 162 -30.24 2.66 41.96
C PRO B 162 -29.27 1.77 41.15
N VAL B 163 -27.98 1.96 41.41
CA VAL B 163 -26.94 1.07 40.93
C VAL B 163 -25.91 1.01 42.08
N GLU B 164 -26.21 0.15 43.06
CA GLU B 164 -25.37 0.00 44.23
C GLU B 164 -24.21 -0.88 43.89
N PRO B 165 -23.10 -0.74 44.64
CA PRO B 165 -21.87 -1.55 44.54
C PRO B 165 -22.12 -3.06 44.53
N GLN B 166 -21.49 -3.77 43.60
CA GLN B 166 -21.67 -5.21 43.45
C GLN B 166 -20.32 -5.93 43.57
N PRO B 167 -20.32 -7.17 44.08
CA PRO B 167 -19.09 -7.96 44.26
C PRO B 167 -18.40 -8.47 42.96
N ARG B 168 -19.12 -8.47 41.84
CA ARG B 168 -18.58 -8.87 40.55
C ARG B 168 -19.22 -7.97 39.51
N TRP B 169 -18.42 -7.43 38.59
CA TRP B 169 -18.93 -6.38 37.71
C TRP B 169 -20.13 -6.81 36.85
N GLU B 170 -20.17 -8.07 36.47
CA GLU B 170 -21.30 -8.59 35.67
C GLU B 170 -22.68 -8.39 36.32
N LEU B 171 -22.73 -8.32 37.65
CA LEU B 171 -23.98 -8.11 38.38
C LEU B 171 -24.57 -6.69 38.28
N TYR B 172 -23.77 -5.73 37.80
CA TYR B 172 -24.24 -4.37 37.56
C TYR B 172 -25.30 -4.36 36.47
N TYR B 173 -25.19 -5.29 35.51
CA TYR B 173 -26.21 -5.49 34.47
C TYR B 173 -27.65 -5.55 34.98
N ILE B 174 -27.85 -6.17 36.17
CA ILE B 174 -29.20 -6.43 36.72
C ILE B 174 -29.65 -5.47 37.85
N GLN B 175 -28.86 -4.43 38.09
CA GLN B 175 -29.27 -3.38 39.01
C GLN B 175 -30.38 -2.52 38.39
N PRO B 176 -31.29 -2.01 39.23
CA PRO B 176 -32.47 -1.34 38.66
C PRO B 176 -32.18 -0.23 37.62
N GLY B 177 -31.13 0.58 37.89
CA GLY B 177 -30.77 1.68 37.02
C GLY B 177 -30.28 1.26 35.64
N VAL B 178 -29.56 0.14 35.62
CA VAL B 178 -28.93 -0.38 34.41
C VAL B 178 -29.98 -1.07 33.57
N MET B 179 -30.78 -1.89 34.23
CA MET B 179 -31.94 -2.49 33.59
C MET B 179 -32.83 -1.44 32.91
N ARG B 180 -33.06 -0.33 33.61
CA ARG B 180 -33.83 0.79 33.09
C ARG B 180 -33.10 1.53 31.96
N ALA B 181 -31.78 1.76 32.09
CA ALA B 181 -31.01 2.32 30.97
C ALA B 181 -31.16 1.49 29.68
N PHE B 182 -31.06 0.16 29.77
CA PHE B 182 -31.32 -0.70 28.61
C PHE B 182 -32.78 -0.68 28.15
N ASP B 183 -33.71 -0.82 29.08
CA ASP B 183 -35.13 -0.79 28.70
C ASP B 183 -35.48 0.51 27.94
N ASN B 184 -34.87 1.63 28.34
CA ASN B 184 -35.06 2.88 27.63
C ASN B 184 -34.44 2.89 26.25
N PHE B 185 -33.21 2.35 26.15
CA PHE B 185 -32.50 2.25 24.88
C PHE B 185 -33.26 1.46 23.82
N TRP B 186 -33.69 0.23 24.17
CA TRP B 186 -34.53 -0.64 23.28
C TRP B 186 -35.96 -0.14 23.11
N ASN B 187 -36.32 0.90 23.88
CA ASN B 187 -37.66 1.45 23.91
C ASN B 187 -38.74 0.52 24.43
N THR B 188 -38.33 -0.38 25.32
CA THR B 188 -39.27 -1.22 26.03
C THR B 188 -40.19 -0.33 26.83
N THR B 189 -39.66 0.75 27.39
CA THR B 189 -40.47 1.67 28.17
C THR B 189 -41.46 2.49 27.33
N GLY B 190 -41.12 2.74 26.07
CA GLY B 190 -41.91 3.63 25.22
C GLY B 190 -41.45 5.08 25.27
N LYS B 191 -40.57 5.41 26.21
CA LYS B 191 -40.16 6.79 26.47
C LYS B 191 -39.08 7.31 25.55
N HIS B 192 -38.39 6.42 24.82
CA HIS B 192 -37.21 6.83 24.02
C HIS B 192 -37.10 6.11 22.68
N PRO B 193 -38.03 6.40 21.77
CA PRO B 193 -37.84 5.86 20.42
C PRO B 193 -36.61 6.44 19.68
N GLU B 194 -36.08 7.59 20.09
CA GLU B 194 -34.97 8.23 19.36
C GLU B 194 -33.61 7.48 19.47
N LEU B 195 -33.44 6.64 20.49
CA LEU B 195 -32.10 6.20 20.86
C LEU B 195 -31.50 5.23 19.81
N VAL B 196 -32.29 4.23 19.39
CA VAL B 196 -31.91 3.31 18.34
C VAL B 196 -31.70 4.02 17.00
N GLU B 197 -32.39 5.14 16.78
CA GLU B 197 -32.13 5.99 15.58
C GLU B 197 -30.78 6.70 15.68
N HIS B 198 -30.48 7.26 16.86
CA HIS B 198 -29.18 7.87 17.11
C HIS B 198 -28.03 6.89 16.89
N TYR B 199 -28.17 5.69 17.47
CA TYR B 199 -27.23 4.58 17.31
C TYR B 199 -27.01 4.21 15.85
N ALA B 200 -28.09 4.03 15.07
CA ALA B 200 -28.01 3.73 13.62
C ALA B 200 -27.25 4.81 12.86
N LYS B 201 -27.59 6.07 13.18
CA LYS B 201 -26.98 7.21 12.52
C LYS B 201 -25.54 7.41 12.98
N ALA B 202 -25.23 7.06 14.22
CA ALA B 202 -23.82 7.03 14.69
C ALA B 202 -22.97 6.08 13.88
N TRP B 203 -23.48 4.89 13.63
CA TRP B 203 -22.84 3.90 12.77
C TRP B 203 -22.68 4.40 11.33
N ARG B 204 -23.74 5.01 10.81
CA ARG B 204 -23.68 5.61 9.47
C ARG B 204 -22.50 6.59 9.37
N ALA B 205 -22.33 7.45 10.36
CA ALA B 205 -21.16 8.37 10.38
C ALA B 205 -19.79 7.67 10.38
N VAL B 206 -19.68 6.57 11.13
CA VAL B 206 -18.48 5.76 11.12
C VAL B 206 -18.26 5.16 9.74
N ALA B 207 -19.33 4.58 9.19
CA ALA B 207 -19.26 3.91 7.91
C ALA B 207 -18.92 4.88 6.79
N ASP B 208 -19.32 6.14 6.94
CA ASP B 208 -19.06 7.15 5.91
C ASP B 208 -17.59 7.52 5.89
N ARG B 209 -16.96 7.61 7.06
CA ARG B 209 -15.51 7.73 7.16
C ARG B 209 -14.70 6.51 6.64
N PHE B 210 -15.17 5.30 6.94
CA PHE B 210 -14.35 4.10 6.70
C PHE B 210 -14.71 3.30 5.46
N ALA B 211 -15.74 3.74 4.75
CA ALA B 211 -16.29 3.00 3.63
C ALA B 211 -15.26 2.69 2.55
N ASP B 212 -14.35 3.61 2.33
CA ASP B 212 -13.35 3.38 1.30
C ASP B 212 -11.96 3.14 1.90
N ASN B 213 -11.95 2.65 3.14
CA ASN B 213 -10.72 2.24 3.82
C ASN B 213 -10.47 0.76 3.54
N ASP B 214 -9.45 0.49 2.73
CA ASP B 214 -9.12 -0.85 2.25
C ASP B 214 -8.73 -1.86 3.34
N ALA B 215 -8.34 -1.38 4.53
CA ALA B 215 -7.98 -2.24 5.68
C ALA B 215 -9.22 -2.67 6.49
N VAL B 216 -10.29 -1.88 6.44
CA VAL B 216 -11.50 -2.23 7.19
C VAL B 216 -12.33 -3.25 6.44
N VAL B 217 -12.65 -4.36 7.09
CA VAL B 217 -13.48 -5.40 6.47
C VAL B 217 -14.83 -5.61 7.16
N ALA B 218 -14.99 -5.13 8.39
CA ALA B 218 -16.16 -5.47 9.16
C ALA B 218 -16.52 -4.40 10.19
N TYR B 219 -17.83 -4.29 10.43
CA TYR B 219 -18.40 -3.50 11.51
C TYR B 219 -19.21 -4.43 12.39
N ASP B 220 -18.74 -4.63 13.62
CA ASP B 220 -19.46 -5.35 14.65
C ASP B 220 -20.41 -4.36 15.37
N LEU B 221 -21.68 -4.46 15.03
CA LEU B 221 -22.70 -3.45 15.38
C LEU B 221 -22.95 -3.21 16.87
N MET B 222 -22.92 -4.27 17.69
CA MET B 222 -22.99 -4.09 19.15
C MET B 222 -22.31 -5.21 19.92
N ASN B 223 -21.33 -4.84 20.74
CA ASN B 223 -20.72 -5.77 21.66
C ASN B 223 -21.67 -6.16 22.75
N ALA B 224 -21.77 -7.48 22.96
CA ALA B 224 -22.40 -8.06 24.13
C ALA B 224 -23.80 -7.52 24.38
N PRO B 225 -24.68 -7.65 23.37
CA PRO B 225 -26.03 -7.10 23.55
C PRO B 225 -26.76 -7.71 24.77
N PHE B 226 -27.36 -6.82 25.57
CA PHE B 226 -28.08 -7.18 26.77
C PHE B 226 -29.45 -6.53 26.65
N GLY B 227 -30.52 -7.28 26.89
CA GLY B 227 -31.86 -6.80 26.57
C GLY B 227 -32.68 -6.25 27.73
N GLY B 228 -32.05 -6.10 28.90
CA GLY B 228 -32.71 -5.67 30.11
C GLY B 228 -33.75 -6.64 30.67
N SER B 229 -34.94 -6.10 30.87
CA SER B 229 -36.14 -6.86 31.16
C SER B 229 -36.57 -7.84 30.07
N LEU B 230 -36.06 -7.68 28.84
CA LEU B 230 -36.27 -8.63 27.73
C LEU B 230 -35.06 -9.54 27.59
N GLN B 231 -35.29 -10.85 27.67
CA GLN B 231 -34.22 -11.85 27.50
C GLN B 231 -34.71 -13.00 26.63
N GLY B 232 -33.80 -13.66 25.92
CA GLY B 232 -34.16 -14.76 25.03
C GLY B 232 -34.63 -14.26 23.69
N PRO B 233 -35.32 -15.13 22.94
CA PRO B 233 -35.85 -14.80 21.58
C PRO B 233 -36.80 -13.61 21.48
N ALA B 234 -37.49 -13.24 22.57
CA ALA B 234 -38.28 -12.00 22.60
C ALA B 234 -37.41 -10.74 22.49
N PHE B 235 -36.16 -10.86 22.92
CA PHE B 235 -35.22 -9.76 22.80
C PHE B 235 -34.58 -9.86 21.42
N GLU B 236 -34.04 -11.04 21.10
CA GLU B 236 -33.16 -11.22 19.95
C GLU B 236 -33.90 -11.05 18.62
N ALA B 237 -35.09 -11.67 18.53
CA ALA B 237 -35.92 -11.63 17.32
C ALA B 237 -36.77 -10.37 17.34
N GLY B 238 -36.72 -9.64 18.45
CA GLY B 238 -37.48 -8.41 18.62
C GLY B 238 -36.65 -7.17 18.40
N PRO B 239 -36.46 -6.38 19.47
CA PRO B 239 -35.71 -5.14 19.25
C PRO B 239 -34.25 -5.29 18.83
N LEU B 240 -33.56 -6.35 19.27
CA LEU B 240 -32.18 -6.55 18.82
C LEU B 240 -32.09 -6.62 17.30
N ALA B 241 -32.73 -7.62 16.70
CA ALA B 241 -32.77 -7.70 15.24
C ALA B 241 -33.23 -6.39 14.59
N ALA B 242 -34.22 -5.69 15.20
CA ALA B 242 -34.76 -4.46 14.61
C ALA B 242 -33.74 -3.33 14.48
N MET B 243 -32.92 -3.19 15.52
CA MET B 243 -31.80 -2.27 15.59
C MET B 243 -30.74 -2.66 14.54
N TYR B 244 -30.38 -3.94 14.51
CA TYR B 244 -29.46 -4.47 13.49
C TYR B 244 -29.92 -4.15 12.07
N GLN B 245 -31.21 -4.33 11.83
CA GLN B 245 -31.80 -3.98 10.55
C GLN B 245 -31.77 -2.47 10.19
N ARG B 246 -32.18 -1.62 11.14
CA ARG B 246 -32.07 -0.18 10.96
C ARG B 246 -30.60 0.32 10.85
N THR B 247 -29.71 -0.22 11.65
CA THR B 247 -28.28 0.13 11.59
C THR B 247 -27.58 -0.33 10.30
N THR B 248 -28.05 -1.43 9.70
CA THR B 248 -27.51 -1.97 8.45
C THR B 248 -27.98 -1.10 7.28
N ASP B 249 -29.25 -0.71 7.34
CA ASP B 249 -29.86 0.14 6.31
C ASP B 249 -29.23 1.51 6.27
N ALA B 250 -28.99 2.09 7.45
CA ALA B 250 -28.21 3.34 7.58
C ALA B 250 -26.80 3.24 6.99
N ILE B 251 -26.08 2.18 7.40
CA ILE B 251 -24.71 1.94 6.94
C ILE B 251 -24.66 1.74 5.40
N ARG B 252 -25.62 1.00 4.85
CA ARG B 252 -25.66 0.76 3.40
C ARG B 252 -25.97 2.00 2.53
N GLN B 253 -26.20 3.12 3.19
CA GLN B 253 -26.38 4.41 2.55
C GLN B 253 -25.05 5.07 2.16
N VAL B 254 -24.04 4.81 2.98
CA VAL B 254 -22.71 5.31 2.76
C VAL B 254 -21.66 4.23 2.44
N ASP B 255 -21.97 2.95 2.68
CA ASP B 255 -20.99 1.85 2.50
C ASP B 255 -21.65 0.59 2.03
N GLN B 256 -21.36 0.24 0.78
CA GLN B 256 -21.95 -0.93 0.11
C GLN B 256 -21.27 -2.26 0.41
N ASP B 257 -19.99 -2.22 0.77
CA ASP B 257 -19.14 -3.39 0.75
C ASP B 257 -18.62 -3.97 2.07
N THR B 258 -18.62 -3.17 3.14
CA THR B 258 -18.07 -3.64 4.42
C THR B 258 -19.05 -4.65 4.98
N TRP B 259 -18.56 -5.76 5.51
CA TRP B 259 -19.43 -6.77 6.16
C TRP B 259 -20.06 -6.18 7.41
N VAL B 260 -21.35 -6.41 7.58
CA VAL B 260 -22.00 -6.01 8.83
C VAL B 260 -22.10 -7.26 9.69
N CYS B 261 -21.54 -7.18 10.90
CA CYS B 261 -21.47 -8.33 11.79
C CYS B 261 -22.37 -8.12 12.96
N VAL B 262 -23.13 -9.17 13.24
CA VAL B 262 -24.18 -9.14 14.27
C VAL B 262 -23.87 -10.21 15.32
N ALA B 263 -24.12 -9.86 16.59
CA ALA B 263 -23.93 -10.75 17.74
C ALA B 263 -25.28 -11.23 18.30
N PRO B 264 -25.30 -12.44 18.91
CA PRO B 264 -26.46 -12.82 19.67
C PRO B 264 -26.44 -12.07 21.00
N GLN B 265 -27.49 -12.22 21.79
CA GLN B 265 -27.43 -11.75 23.16
C GLN B 265 -26.27 -12.47 23.85
N ALA B 266 -25.56 -11.78 24.73
CA ALA B 266 -24.32 -12.32 25.31
C ALA B 266 -24.64 -13.36 26.39
N ILE B 267 -25.49 -12.98 27.33
CA ILE B 267 -25.90 -13.90 28.40
C ILE B 267 -26.67 -15.14 27.81
N GLY B 268 -26.26 -16.34 28.26
CA GLY B 268 -26.87 -17.60 27.83
C GLY B 268 -26.13 -18.17 26.63
N VAL B 269 -26.23 -17.46 25.51
CA VAL B 269 -25.55 -17.85 24.28
C VAL B 269 -24.01 -17.96 24.42
N ASN B 270 -23.37 -17.09 25.23
CA ASN B 270 -21.90 -17.19 25.45
C ASN B 270 -21.44 -18.50 26.13
N GLN B 271 -22.37 -19.09 26.90
CA GLN B 271 -22.13 -20.28 27.72
C GLN B 271 -22.66 -21.53 27.02
N GLY B 272 -23.13 -21.39 25.77
CA GLY B 272 -23.52 -22.53 24.92
C GLY B 272 -25.02 -22.74 24.67
N LEU B 273 -25.89 -21.82 25.09
CA LEU B 273 -27.33 -21.94 24.82
C LEU B 273 -27.65 -21.45 23.39
N PRO B 274 -28.78 -21.88 22.80
CA PRO B 274 -29.11 -21.41 21.46
C PRO B 274 -29.46 -19.91 21.40
N SER B 275 -29.40 -19.33 20.20
CA SER B 275 -29.83 -17.94 19.94
C SER B 275 -31.19 -17.91 19.21
N GLY B 276 -32.06 -16.99 19.62
CA GLY B 276 -33.25 -16.65 18.85
C GLY B 276 -33.04 -15.51 17.85
N LEU B 277 -31.80 -15.12 17.58
CA LEU B 277 -31.53 -14.13 16.54
C LEU B 277 -32.05 -14.57 15.15
N THR B 278 -32.62 -13.61 14.44
CA THR B 278 -33.25 -13.81 13.13
C THR B 278 -32.48 -13.08 12.00
N LYS B 279 -32.82 -13.42 10.76
CA LYS B 279 -32.11 -12.95 9.58
C LYS B 279 -32.19 -11.44 9.37
N ILE B 280 -31.07 -10.86 8.95
CA ILE B 280 -30.99 -9.45 8.66
C ILE B 280 -30.87 -9.35 7.14
N ASP B 281 -31.73 -8.53 6.53
CA ASP B 281 -31.72 -8.29 5.08
C ASP B 281 -30.61 -7.32 4.82
N ASP B 282 -29.78 -7.64 3.83
CA ASP B 282 -28.76 -6.73 3.34
C ASP B 282 -29.25 -6.12 2.03
N PRO B 283 -29.48 -4.78 1.99
CA PRO B 283 -29.97 -4.10 0.78
C PRO B 283 -28.94 -3.91 -0.37
N ARG B 284 -27.67 -4.19 -0.11
CA ARG B 284 -26.65 -4.05 -1.11
C ARG B 284 -26.99 -4.91 -2.32
N ALA B 285 -26.53 -4.45 -3.48
CA ALA B 285 -26.75 -5.16 -4.75
C ALA B 285 -25.95 -6.45 -4.74
N GLY B 286 -26.62 -7.55 -5.09
CA GLY B 286 -25.94 -8.85 -5.14
C GLY B 286 -26.07 -9.66 -3.85
N GLN B 287 -24.99 -10.37 -3.52
CA GLN B 287 -25.04 -11.31 -2.42
C GLN B 287 -24.82 -10.52 -1.12
N GLN B 288 -25.52 -10.96 -0.07
CA GLN B 288 -25.47 -10.30 1.23
C GLN B 288 -24.10 -10.44 1.91
N ARG B 289 -23.72 -9.39 2.64
CA ARG B 289 -22.49 -9.39 3.42
C ARG B 289 -22.80 -9.11 4.88
N ILE B 290 -23.53 -10.04 5.49
CA ILE B 290 -23.73 -10.11 6.92
C ILE B 290 -22.83 -11.20 7.49
N ALA B 291 -22.18 -10.95 8.63
CA ALA B 291 -21.46 -12.03 9.34
C ALA B 291 -21.93 -12.16 10.79
N TYR B 292 -21.73 -13.36 11.36
CA TYR B 292 -22.15 -13.68 12.72
C TYR B 292 -20.93 -13.63 13.65
N CYS B 293 -21.04 -12.82 14.70
CA CYS B 293 -19.93 -12.56 15.60
CA CYS B 293 -19.92 -12.55 15.60
C CYS B 293 -20.23 -12.87 17.06
N PRO B 294 -20.36 -14.18 17.40
CA PRO B 294 -20.55 -14.62 18.80
C PRO B 294 -19.32 -14.60 19.71
N HIS B 295 -19.57 -14.61 21.03
CA HIS B 295 -18.50 -14.79 22.00
C HIS B 295 -18.55 -16.23 22.61
N LEU B 296 -17.48 -16.61 23.29
CA LEU B 296 -17.41 -17.93 23.92
C LEU B 296 -16.82 -17.75 25.31
N TYR B 297 -17.64 -17.97 26.33
CA TYR B 297 -17.23 -17.86 27.72
C TYR B 297 -17.85 -18.95 28.59
N PRO B 298 -17.22 -20.15 28.59
CA PRO B 298 -17.78 -21.31 29.34
C PRO B 298 -17.89 -20.98 30.84
N LEU B 299 -19.02 -21.37 31.44
CA LEU B 299 -19.30 -21.10 32.86
C LEU B 299 -18.16 -21.46 33.83
N PRO B 300 -17.52 -22.64 33.65
CA PRO B 300 -16.32 -22.92 34.45
C PRO B 300 -15.02 -22.37 33.79
N GLY B 309 -10.50 -31.51 35.53
CA GLY B 309 -11.33 -32.67 35.89
C GLY B 309 -12.72 -32.49 35.32
N LEU B 310 -13.75 -32.60 36.18
CA LEU B 310 -15.15 -32.41 35.77
C LEU B 310 -15.39 -31.05 35.09
N ALA B 311 -14.71 -30.01 35.57
CA ALA B 311 -14.75 -28.69 34.93
C ALA B 311 -14.27 -28.73 33.47
N ARG B 312 -13.36 -29.65 33.16
CA ARG B 312 -12.82 -29.83 31.80
C ARG B 312 -13.84 -30.52 30.90
N THR B 313 -14.45 -31.60 31.38
CA THR B 313 -15.57 -32.24 30.67
C THR B 313 -16.67 -31.20 30.34
N LEU B 314 -17.08 -30.46 31.35
CA LEU B 314 -18.09 -29.40 31.20
C LEU B 314 -17.70 -28.35 30.14
N THR B 315 -16.46 -27.88 30.19
CA THR B 315 -15.97 -26.91 29.21
C THR B 315 -15.98 -27.52 27.79
N ASP B 316 -15.50 -28.76 27.65
CA ASP B 316 -15.54 -29.50 26.36
C ASP B 316 -16.95 -29.63 25.75
N VAL B 317 -17.93 -30.01 26.58
CA VAL B 317 -19.32 -30.10 26.11
C VAL B 317 -19.89 -28.69 25.88
N THR B 318 -19.46 -27.69 26.67
CA THR B 318 -19.77 -26.28 26.36
C THR B 318 -19.35 -25.94 24.92
N ILE B 319 -18.08 -26.17 24.59
CA ILE B 319 -17.53 -25.91 23.24
C ILE B 319 -18.33 -26.63 22.12
N ASP B 320 -18.77 -27.86 22.39
CA ASP B 320 -19.54 -28.64 21.41
C ASP B 320 -20.93 -28.05 21.17
N ALA B 321 -21.60 -27.69 22.26
CA ALA B 321 -22.90 -27.06 22.20
C ALA B 321 -22.76 -25.68 21.52
N TRP B 322 -21.75 -24.93 21.93
CA TRP B 322 -21.51 -23.63 21.36
C TRP B 322 -21.36 -23.74 19.83
N ARG B 323 -20.59 -24.72 19.39
CA ARG B 323 -20.35 -24.94 17.97
C ARG B 323 -21.64 -25.26 17.24
N ALA B 324 -22.43 -26.20 17.78
CA ALA B 324 -23.68 -26.59 17.12
C ALA B 324 -24.67 -25.41 17.01
N ASN B 325 -24.73 -24.55 18.05
CA ASN B 325 -25.65 -23.43 18.07
C ASN B 325 -25.21 -22.29 17.15
N THR B 326 -23.90 -22.04 17.14
CA THR B 326 -23.29 -21.05 16.25
C THR B 326 -23.52 -21.42 14.76
N ALA B 327 -23.25 -22.68 14.40
CA ALA B 327 -23.52 -23.21 13.06
C ALA B 327 -24.96 -22.94 12.62
N HIS B 328 -25.90 -23.21 13.51
CA HIS B 328 -27.34 -23.07 13.23
C HIS B 328 -27.80 -21.63 12.96
N THR B 329 -27.37 -20.70 13.80
CA THR B 329 -27.68 -19.29 13.62
C THR B 329 -27.00 -18.66 12.42
N ALA B 330 -25.76 -19.07 12.12
CA ALA B 330 -25.06 -18.65 10.92
C ALA B 330 -25.80 -19.06 9.64
N ARG B 331 -26.38 -20.27 9.67
CA ARG B 331 -27.36 -20.77 8.69
C ARG B 331 -28.62 -19.94 8.59
N VAL B 332 -29.21 -19.67 9.77
CA VAL B 332 -30.42 -18.87 9.84
C VAL B 332 -30.21 -17.52 9.18
N LEU B 333 -29.04 -16.91 9.39
CA LEU B 333 -28.77 -15.57 8.88
C LEU B 333 -28.44 -15.59 7.38
N GLY B 334 -28.32 -16.79 6.81
CA GLY B 334 -28.10 -16.97 5.38
C GLY B 334 -26.79 -17.64 5.05
N ASP B 335 -26.34 -18.56 5.91
CA ASP B 335 -25.11 -19.34 5.67
C ASP B 335 -23.91 -18.41 5.68
N VAL B 336 -23.76 -17.71 6.80
CA VAL B 336 -22.89 -16.55 6.84
C VAL B 336 -21.52 -16.97 7.40
N PRO B 337 -20.47 -16.17 7.11
CA PRO B 337 -19.19 -16.32 7.77
C PRO B 337 -19.34 -16.12 9.26
N ILE B 338 -18.51 -16.78 10.04
CA ILE B 338 -18.47 -16.61 11.49
C ILE B 338 -17.12 -15.99 11.90
N ILE B 339 -17.17 -15.06 12.84
CA ILE B 339 -15.99 -14.61 13.56
C ILE B 339 -16.21 -14.84 15.05
N LEU B 340 -15.31 -15.57 15.71
CA LEU B 340 -15.32 -15.62 17.18
C LEU B 340 -14.73 -14.30 17.74
N GLY B 341 -15.61 -13.39 18.15
CA GLY B 341 -15.22 -12.02 18.42
C GLY B 341 -14.51 -11.83 19.74
N GLU B 342 -14.75 -12.76 20.65
CA GLU B 342 -14.21 -12.66 21.97
C GLU B 342 -14.20 -14.05 22.62
N PHE B 343 -13.00 -14.49 22.92
CA PHE B 343 -12.81 -15.54 23.89
C PHE B 343 -11.47 -15.24 24.54
N GLY B 344 -11.29 -15.68 25.77
CA GLY B 344 -10.04 -15.49 26.46
C GLY B 344 -10.02 -16.10 27.85
N LEU B 345 -8.84 -16.23 28.44
CA LEU B 345 -8.76 -16.59 29.86
C LEU B 345 -7.39 -16.29 30.45
N ASP B 346 -7.29 -16.45 31.77
CA ASP B 346 -6.02 -16.37 32.46
C ASP B 346 -5.14 -17.52 31.98
N THR B 347 -4.11 -17.18 31.22
CA THR B 347 -3.20 -18.15 30.60
C THR B 347 -2.32 -18.86 31.63
N THR B 348 -2.31 -18.35 32.85
CA THR B 348 -1.53 -18.98 33.95
C THR B 348 -2.27 -20.09 34.64
N LEU B 349 -3.52 -20.33 34.28
CA LEU B 349 -4.32 -21.34 34.98
C LEU B 349 -4.03 -22.75 34.45
N PRO B 350 -4.25 -23.76 35.32
CA PRO B 350 -4.16 -25.19 34.94
C PRO B 350 -4.98 -25.52 33.69
N GLY B 351 -4.35 -26.10 32.67
CA GLY B 351 -5.03 -26.50 31.45
C GLY B 351 -5.36 -25.38 30.45
N ALA B 352 -4.89 -24.18 30.73
CA ALA B 352 -5.19 -22.98 29.90
C ALA B 352 -4.78 -23.12 28.45
N ARG B 353 -3.63 -23.76 28.19
CA ARG B 353 -3.12 -23.92 26.82
C ARG B 353 -3.90 -24.95 26.02
N ASP B 354 -4.26 -26.04 26.68
CA ASP B 354 -5.15 -27.03 26.11
C ASP B 354 -6.51 -26.46 25.67
N TYR B 355 -7.11 -25.65 26.52
CA TYR B 355 -8.39 -25.00 26.22
C TYR B 355 -8.30 -24.02 25.04
N ILE B 356 -7.30 -23.13 25.10
CA ILE B 356 -7.00 -22.19 24.00
C ILE B 356 -6.80 -22.95 22.69
N GLU B 357 -5.94 -23.96 22.71
CA GLU B 357 -5.74 -24.82 21.52
C GLU B 357 -7.00 -25.58 21.04
N ARG B 358 -7.86 -25.99 21.97
CA ARG B 358 -9.15 -26.63 21.63
C ARG B 358 -10.11 -25.67 20.90
N VAL B 359 -10.22 -24.46 21.43
CA VAL B 359 -11.05 -23.43 20.83
C VAL B 359 -10.55 -23.01 19.44
N TYR B 360 -9.25 -22.81 19.34
CA TYR B 360 -8.66 -22.47 18.04
C TYR B 360 -8.86 -23.57 17.02
N GLY B 361 -8.83 -24.83 17.45
CA GLY B 361 -9.06 -25.97 16.54
C GLY B 361 -10.50 -26.01 16.07
N THR B 362 -11.40 -25.74 17.01
CA THR B 362 -12.82 -25.63 16.70
C THR B 362 -13.02 -24.49 15.71
N ALA B 363 -12.40 -23.32 15.96
CA ALA B 363 -12.47 -22.18 15.06
C ALA B 363 -12.00 -22.57 13.66
N ARG B 364 -10.86 -23.27 13.57
CA ARG B 364 -10.33 -23.74 12.28
C ARG B 364 -11.34 -24.60 11.50
N GLU B 365 -11.96 -25.56 12.16
CA GLU B 365 -12.91 -26.48 11.54
C GLU B 365 -14.21 -25.80 11.12
N MET B 366 -14.63 -24.79 11.88
CA MET B 366 -15.85 -23.99 11.52
C MET B 366 -15.62 -22.92 10.44
N GLY B 367 -14.36 -22.74 10.05
CA GLY B 367 -13.99 -21.64 9.16
C GLY B 367 -14.18 -20.27 9.82
N ALA B 368 -13.93 -20.18 11.13
CA ALA B 368 -14.21 -18.93 11.88
C ALA B 368 -12.93 -18.08 12.05
N GLY B 369 -13.09 -16.75 11.99
CA GLY B 369 -12.04 -15.86 12.43
C GLY B 369 -12.01 -15.89 13.93
N VAL B 370 -10.90 -15.43 14.50
CA VAL B 370 -10.76 -15.26 15.95
C VAL B 370 -10.11 -13.95 16.30
N SER B 371 -10.74 -13.24 17.23
CA SER B 371 -10.08 -12.14 17.89
C SER B 371 -10.05 -12.46 19.38
N TYR B 372 -8.85 -12.68 19.89
CA TYR B 372 -8.63 -13.10 21.27
C TYR B 372 -8.87 -11.92 22.22
N TRP B 373 -9.41 -12.20 23.40
CA TRP B 373 -9.61 -11.16 24.41
C TRP B 373 -8.51 -11.31 25.50
N SER B 374 -7.48 -10.45 25.51
CA SER B 374 -7.27 -9.32 24.58
C SER B 374 -5.81 -8.91 24.61
N SER B 375 -5.47 -7.81 23.91
CA SER B 375 -4.09 -7.41 23.76
C SER B 375 -3.54 -6.77 25.04
N ASP B 376 -4.43 -6.25 25.89
CA ASP B 376 -4.05 -5.59 27.15
C ASP B 376 -3.03 -6.36 27.97
N PRO B 377 -2.10 -5.63 28.60
CA PRO B 377 -1.15 -6.24 29.53
C PRO B 377 -1.83 -7.05 30.61
N GLY B 378 -1.25 -8.20 30.95
CA GLY B 378 -1.81 -9.08 31.99
C GLY B 378 -1.78 -10.52 31.55
N PRO B 379 -2.00 -11.45 32.50
CA PRO B 379 -1.93 -12.90 32.29
C PRO B 379 -2.93 -13.52 31.31
N TRP B 380 -3.98 -12.78 30.94
CA TRP B 380 -4.88 -13.21 29.86
C TRP B 380 -4.27 -12.92 28.49
N GLY B 381 -3.49 -11.84 28.42
CA GLY B 381 -2.95 -11.29 27.18
C GLY B 381 -1.61 -11.91 26.77
N PRO B 382 -1.11 -11.51 25.60
CA PRO B 382 0.17 -12.05 25.13
C PRO B 382 1.40 -11.59 25.94
N TYR B 383 1.28 -10.42 26.59
CA TYR B 383 2.37 -9.82 27.37
C TYR B 383 1.92 -9.38 28.73
N LEU B 384 2.82 -9.51 29.70
CA LEU B 384 2.60 -8.97 31.04
C LEU B 384 2.89 -7.46 31.04
N PRO B 385 2.48 -6.75 32.10
CA PRO B 385 2.78 -5.31 32.17
C PRO B 385 4.26 -4.93 31.94
N ASP B 386 5.19 -5.78 32.38
CA ASP B 386 6.64 -5.52 32.23
C ASP B 386 7.22 -5.91 30.86
N GLY B 387 6.40 -6.57 30.05
CA GLY B 387 6.77 -6.92 28.69
C GLY B 387 7.00 -8.41 28.51
N THR B 388 7.07 -9.16 29.61
CA THR B 388 7.30 -10.60 29.56
C THR B 388 6.21 -11.27 28.72
N GLN B 389 6.62 -12.13 27.80
CA GLN B 389 5.66 -12.92 27.07
C GLN B 389 4.97 -13.93 27.97
N THR B 390 3.66 -14.10 27.76
CA THR B 390 2.93 -15.20 28.37
C THR B 390 2.98 -16.41 27.46
N LEU B 391 2.48 -17.52 28.00
CA LEU B 391 2.17 -18.74 27.29
C LEU B 391 1.41 -18.55 25.96
N LEU B 392 0.66 -17.45 25.83
CA LEU B 392 -0.14 -17.16 24.63
C LEU B 392 0.69 -16.98 23.33
N VAL B 393 1.82 -16.28 23.41
CA VAL B 393 2.67 -16.03 22.22
C VAL B 393 2.98 -17.34 21.41
N ASP B 394 3.57 -18.33 22.09
CA ASP B 394 3.96 -19.61 21.48
C ASP B 394 2.77 -20.44 21.04
N THR B 395 1.67 -20.37 21.80
CA THR B 395 0.43 -21.08 21.42
C THR B 395 -0.14 -20.52 20.09
N LEU B 396 -0.17 -19.20 19.99
CA LEU B 396 -0.73 -18.52 18.81
C LEU B 396 0.20 -18.48 17.60
N ASN B 397 1.50 -18.50 17.82
CA ASN B 397 2.44 -18.33 16.72
C ASN B 397 2.66 -19.61 15.92
N LYS B 398 1.69 -19.91 15.07
CA LYS B 398 1.65 -21.12 14.27
C LYS B 398 1.42 -20.67 12.83
N PRO B 399 1.86 -21.49 11.86
CA PRO B 399 1.54 -21.23 10.46
C PRO B 399 0.04 -21.18 10.22
N TYR B 400 -0.39 -20.29 9.33
CA TYR B 400 -1.76 -20.29 8.89
C TYR B 400 -1.88 -19.62 7.52
N PRO B 401 -2.95 -19.98 6.76
CA PRO B 401 -3.30 -19.32 5.54
C PRO B 401 -4.04 -18.03 5.84
N ARG B 402 -3.52 -16.89 5.41
CA ARG B 402 -4.16 -15.58 5.68
C ARG B 402 -5.22 -15.28 4.63
N ALA B 403 -4.93 -15.60 3.39
CA ALA B 403 -5.86 -15.26 2.32
C ALA B 403 -5.71 -16.27 1.21
N VAL B 404 -6.77 -17.04 0.99
CA VAL B 404 -6.72 -18.20 0.12
C VAL B 404 -7.46 -17.95 -1.22
N ALA B 405 -6.80 -18.27 -2.33
CA ALA B 405 -7.39 -18.27 -3.67
C ALA B 405 -8.33 -19.48 -3.89
N GLY B 406 -9.49 -19.38 -3.26
CA GLY B 406 -10.48 -20.45 -3.20
C GLY B 406 -10.99 -20.56 -1.76
N THR B 407 -11.96 -21.44 -1.55
CA THR B 407 -12.51 -21.71 -0.22
C THR B 407 -11.74 -22.85 0.41
N PRO B 408 -11.03 -22.59 1.53
CA PRO B 408 -10.43 -23.73 2.21
C PRO B 408 -11.51 -24.72 2.71
N THR B 409 -11.34 -26.01 2.40
CA THR B 409 -12.20 -27.07 2.93
C THR B 409 -11.68 -27.52 4.29
N GLU B 410 -10.37 -27.64 4.38
CA GLU B 410 -9.71 -27.84 5.66
C GLU B 410 -8.26 -27.48 5.59
N TRP B 411 -7.65 -27.33 6.76
CA TRP B 411 -6.23 -27.15 6.88
C TRP B 411 -5.80 -27.54 8.27
N SER B 412 -4.50 -27.66 8.46
CA SER B 412 -3.92 -27.98 9.74
C SER B 412 -2.54 -27.40 9.79
N SER B 413 -2.03 -27.17 10.99
CA SER B 413 -0.68 -26.69 11.15
C SER B 413 -0.05 -27.09 12.48
N THR B 414 1.24 -27.38 12.41
CA THR B 414 2.14 -27.55 13.54
C THR B 414 3.19 -26.45 13.37
N SER B 415 4.12 -26.39 14.31
CA SER B 415 5.27 -25.46 14.25
C SER B 415 6.03 -25.40 12.93
N ASP B 416 6.19 -26.56 12.27
CA ASP B 416 6.94 -26.67 11.03
C ASP B 416 6.20 -27.39 9.88
N ARG B 417 4.88 -27.36 9.90
CA ARG B 417 4.13 -27.88 8.79
C ARG B 417 2.83 -27.12 8.66
N LEU B 418 2.43 -26.88 7.41
CA LEU B 418 1.09 -26.40 7.14
C LEU B 418 0.57 -27.15 5.94
N GLN B 419 -0.65 -27.62 6.06
CA GLN B 419 -1.34 -28.29 4.99
C GLN B 419 -2.71 -27.67 4.82
N LEU B 420 -3.09 -27.40 3.57
CA LEU B 420 -4.34 -26.70 3.27
C LEU B 420 -4.98 -27.36 2.06
N THR B 421 -6.27 -27.67 2.12
CA THR B 421 -7.01 -28.09 0.94
C THR B 421 -7.92 -26.95 0.47
N ILE B 422 -7.98 -26.78 -0.86
CA ILE B 422 -8.66 -25.65 -1.51
C ILE B 422 -9.63 -26.13 -2.58
N GLU B 423 -10.88 -25.71 -2.49
CA GLU B 423 -11.82 -25.76 -3.60
C GLU B 423 -11.45 -24.67 -4.59
N PRO B 424 -11.05 -25.05 -5.80
CA PRO B 424 -10.53 -24.07 -6.73
C PRO B 424 -11.54 -23.01 -7.18
N ASP B 425 -11.05 -21.81 -7.48
CA ASP B 425 -11.87 -20.77 -8.06
C ASP B 425 -11.05 -20.02 -9.11
N ALA B 426 -11.33 -20.31 -10.39
CA ALA B 426 -10.54 -19.82 -11.51
C ALA B 426 -10.53 -18.30 -11.69
N ALA B 427 -11.53 -17.61 -11.14
CA ALA B 427 -11.59 -16.15 -11.24
C ALA B 427 -10.51 -15.42 -10.46
N ILE B 428 -10.00 -16.05 -9.40
CA ILE B 428 -9.03 -15.42 -8.51
C ILE B 428 -7.63 -15.55 -9.11
N THR B 429 -7.00 -14.40 -9.33
CA THR B 429 -5.65 -14.38 -9.89
C THR B 429 -4.62 -14.04 -8.83
N ALA B 430 -5.03 -13.42 -7.72
CA ALA B 430 -4.16 -13.20 -6.55
C ALA B 430 -3.72 -14.54 -5.99
N PRO B 431 -2.45 -14.64 -5.52
CA PRO B 431 -1.94 -15.87 -4.97
C PRO B 431 -2.46 -16.11 -3.55
N THR B 432 -2.55 -17.38 -3.15
CA THR B 432 -2.75 -17.74 -1.73
C THR B 432 -1.62 -17.18 -0.87
N GLU B 433 -1.98 -16.60 0.25
CA GLU B 433 -1.02 -15.97 1.14
C GLU B 433 -1.01 -16.69 2.49
N ILE B 434 0.19 -16.99 3.00
CA ILE B 434 0.40 -17.90 4.14
C ILE B 434 1.46 -17.29 5.07
N TYR B 435 1.16 -17.23 6.36
CA TYR B 435 2.16 -16.89 7.38
C TYR B 435 2.94 -18.13 7.80
N LEU B 436 4.27 -18.00 7.88
CA LEU B 436 5.17 -19.04 8.39
C LEU B 436 6.08 -18.46 9.48
N PRO B 437 5.97 -18.94 10.74
CA PRO B 437 6.85 -18.41 11.77
C PRO B 437 8.29 -18.79 11.51
N GLU B 438 9.21 -17.95 11.98
CA GLU B 438 10.62 -18.15 11.77
C GLU B 438 11.13 -19.37 12.52
N ALA B 439 10.58 -19.61 13.71
CA ALA B 439 10.90 -20.78 14.53
C ALA B 439 10.90 -22.12 13.76
N GLY B 440 9.74 -22.50 13.22
CA GLY B 440 9.65 -23.70 12.38
C GLY B 440 10.21 -23.60 10.96
N PHE B 441 10.38 -22.38 10.46
CA PHE B 441 10.78 -22.14 9.06
C PHE B 441 11.96 -21.17 9.00
N PRO B 442 13.13 -21.58 9.50
CA PRO B 442 14.27 -20.68 9.63
C PRO B 442 14.98 -20.32 8.31
N GLY B 443 14.75 -21.10 7.25
CA GLY B 443 15.35 -20.79 5.93
C GLY B 443 14.37 -20.70 4.78
N ASP B 444 14.48 -21.67 3.86
CA ASP B 444 13.65 -21.80 2.65
C ASP B 444 12.51 -22.80 2.88
N VAL B 445 11.53 -22.80 1.98
CA VAL B 445 10.38 -23.68 2.12
C VAL B 445 10.35 -24.68 0.96
N HIS B 446 9.68 -25.80 1.18
CA HIS B 446 9.33 -26.72 0.12
C HIS B 446 7.81 -26.73 0.09
N VAL B 447 7.24 -26.52 -1.09
CA VAL B 447 5.79 -26.50 -1.27
C VAL B 447 5.37 -27.60 -2.23
N GLU B 448 4.38 -28.39 -1.81
CA GLU B 448 3.84 -29.46 -2.63
C GLU B 448 2.42 -29.09 -2.98
N GLY B 449 2.05 -29.31 -4.24
CA GLY B 449 0.72 -28.99 -4.74
C GLY B 449 0.53 -27.54 -5.16
N ALA B 450 1.59 -26.74 -5.17
CA ALA B 450 1.52 -25.34 -5.58
C ALA B 450 2.92 -24.79 -5.94
N ASP B 451 2.92 -23.79 -6.83
CA ASP B 451 4.17 -23.11 -7.21
C ASP B 451 4.33 -21.86 -6.34
N VAL B 452 5.53 -21.66 -5.81
CA VAL B 452 5.85 -20.54 -4.96
C VAL B 452 6.08 -19.33 -5.89
N VAL B 453 5.31 -18.26 -5.66
CA VAL B 453 5.44 -17.01 -6.42
C VAL B 453 6.23 -15.97 -5.60
N GLY B 454 6.20 -16.09 -4.28
CA GLY B 454 7.08 -15.29 -3.43
C GLY B 454 7.30 -15.87 -2.03
N TRP B 455 8.45 -15.57 -1.45
CA TRP B 455 8.76 -15.98 -0.08
C TRP B 455 9.59 -14.87 0.56
N ASP B 456 8.93 -14.11 1.42
CA ASP B 456 9.50 -12.91 2.00
C ASP B 456 9.78 -13.27 3.44
N ARG B 457 11.05 -13.36 3.82
CA ARG B 457 11.43 -13.88 5.14
C ARG B 457 11.42 -12.76 6.14
N GLN B 458 11.21 -11.54 5.67
CA GLN B 458 11.03 -10.37 6.50
C GLN B 458 9.58 -10.31 7.04
N SER B 459 8.63 -10.10 6.14
CA SER B 459 7.21 -10.09 6.45
C SER B 459 6.71 -11.47 6.93
N ARG B 460 7.49 -12.51 6.63
CA ARG B 460 7.13 -13.91 6.90
C ARG B 460 5.96 -14.44 6.10
N LEU B 461 5.76 -13.86 4.91
CA LEU B 461 4.67 -14.22 4.01
C LEU B 461 5.11 -15.06 2.80
N LEU B 462 4.43 -16.20 2.63
CA LEU B 462 4.57 -17.08 1.47
C LEU B 462 3.36 -16.88 0.55
N THR B 463 3.64 -16.66 -0.73
CA THR B 463 2.59 -16.57 -1.75
C THR B 463 2.79 -17.71 -2.77
N VAL B 464 1.69 -18.39 -3.10
CA VAL B 464 1.68 -19.52 -4.00
C VAL B 464 0.43 -19.51 -4.92
N ARG B 465 0.56 -20.20 -6.05
CA ARG B 465 -0.54 -20.40 -6.98
C ARG B 465 -0.81 -21.88 -7.19
N THR B 466 -2.09 -22.20 -7.28
CA THR B 466 -2.54 -23.57 -7.42
C THR B 466 -3.32 -23.71 -8.73
N PRO B 467 -3.35 -24.93 -9.32
CA PRO B 467 -4.24 -25.15 -10.47
C PRO B 467 -5.73 -25.03 -10.08
N ALA B 468 -6.52 -24.46 -10.99
CA ALA B 468 -7.94 -24.24 -10.74
C ALA B 468 -8.78 -25.24 -11.51
N ASP B 469 -8.13 -26.13 -12.27
CA ASP B 469 -8.84 -27.01 -13.20
C ASP B 469 -8.58 -28.50 -12.96
N SER B 470 -8.25 -28.87 -11.73
CA SER B 470 -8.07 -30.28 -11.39
C SER B 470 -8.82 -30.61 -10.08
N GLY B 471 -9.85 -29.83 -9.80
CA GLY B 471 -10.62 -30.01 -8.57
C GLY B 471 -9.83 -29.62 -7.33
N ASN B 472 -10.29 -30.09 -6.16
CA ASN B 472 -9.71 -29.75 -4.88
C ASN B 472 -8.21 -30.06 -4.87
N VAL B 473 -7.45 -29.07 -4.39
CA VAL B 473 -6.00 -29.13 -4.36
C VAL B 473 -5.55 -29.04 -2.91
N THR B 474 -4.54 -29.85 -2.57
CA THR B 474 -3.92 -29.83 -1.26
C THR B 474 -2.50 -29.30 -1.38
N VAL B 475 -2.19 -28.29 -0.59
CA VAL B 475 -0.86 -27.72 -0.56
C VAL B 475 -0.22 -28.05 0.77
N THR B 476 1.03 -28.46 0.71
CA THR B 476 1.78 -28.84 1.89
C THR B 476 3.06 -28.05 1.90
N VAL B 477 3.29 -27.36 3.02
CA VAL B 477 4.40 -26.48 3.20
C VAL B 477 5.26 -26.96 4.36
N THR B 478 6.55 -27.13 4.07
CA THR B 478 7.51 -27.68 5.01
C THR B 478 8.83 -26.93 4.88
N PRO B 479 9.65 -26.90 5.93
CA PRO B 479 10.94 -26.28 5.78
C PRO B 479 11.83 -27.05 4.79
N ALA B 480 12.60 -26.32 3.98
CA ALA B 480 13.59 -26.90 3.07
C ALA B 480 14.80 -27.38 3.86
N ALA B 481 15.33 -28.53 3.48
CA ALA B 481 16.56 -29.06 4.11
C ALA B 481 17.69 -28.06 3.91
C1 GLC C . 13.49 16.53 -25.52
C2 GLC C . 12.42 17.35 -24.76
C3 GLC C . 10.99 16.91 -25.09
C4 GLC C . 10.85 16.80 -26.60
C5 GLC C . 11.85 15.74 -27.12
C6 GLC C . 11.78 15.41 -28.60
O2 GLC C . 12.63 17.36 -23.35
O3 GLC C . 10.07 17.87 -24.57
O4 GLC C . 9.50 16.45 -26.87
O5 GLC C . 13.18 16.17 -26.89
O6 GLC C . 12.15 16.51 -29.38
C1 GAL C . 8.87 17.25 -27.88
C2 GAL C . 7.65 16.47 -28.40
C3 GAL C . 6.79 17.30 -29.36
C4 GAL C . 6.52 18.66 -28.70
C5 GAL C . 7.85 19.31 -28.33
C6 GAL C . 7.73 20.73 -27.86
O2 GAL C . 7.98 15.19 -28.93
O3 GAL C . 5.55 16.63 -29.59
O4 GAL C . 5.66 18.44 -27.60
O5 GAL C . 8.48 18.52 -27.36
O6 GAL C . 7.07 20.75 -26.61
C1 GLC D . -16.58 -9.88 27.17
C2 GLC D . -16.71 -8.33 27.07
C3 GLC D . -15.40 -7.65 27.42
C4 GLC D . -14.91 -8.20 28.75
C5 GLC D . -14.56 -9.69 28.56
C6 GLC D . -13.96 -10.32 29.82
O2 GLC D . -17.16 -7.95 25.78
O3 GLC D . -15.60 -6.26 27.51
O4 GLC D . -13.77 -7.44 29.19
O5 GLC D . -15.70 -10.45 28.16
O6 GLC D . -14.93 -10.44 30.85
C1 GAL D . -13.77 -7.08 30.58
C2 GAL D . -12.35 -6.62 30.94
C3 GAL D . -12.27 -5.95 32.32
C4 GAL D . -13.27 -4.82 32.38
C5 GAL D . -14.65 -5.43 32.09
C6 GAL D . -15.76 -4.40 32.19
O2 GAL D . -11.41 -7.70 30.87
O3 GAL D . -10.96 -5.45 32.54
O4 GAL D . -12.95 -3.82 31.43
O5 GAL D . -14.69 -6.05 30.82
O6 GAL D . -15.69 -3.46 31.14
NA NA E . 10.14 7.60 -1.91
NA NA F . -12.96 -1.61 3.50
#